data_3JW0
#
_entry.id   3JW0
#
_cell.length_a   174.167
_cell.length_b   200.571
_cell.length_c   109.820
_cell.angle_alpha   90.00
_cell.angle_beta   90.00
_cell.angle_gamma   90.00
#
_symmetry.space_group_name_H-M   'C 2 2 21'
#
loop_
_entity.id
_entity.type
_entity.pdbx_description
1 polymer 'Ubiquitin-conjugating enzyme E2 D2'
2 polymer 'E3 ubiquitin-protein ligase NEDD4-like'
3 polymer Ubiquitin
4 water water
#
loop_
_entity_poly.entity_id
_entity_poly.type
_entity_poly.pdbx_seq_one_letter_code
_entity_poly.pdbx_strand_id
1 'polypeptide(L)'
;ASKRIHKELNDLARDPPAQCSAGPVGDDMFHWQATIMGPNDSPYQGGVFFLTIHFPTDYPFKPPKVAFTTRIYHPNINSN
GSISLDILRSQWSPALKISKVLLSICSLLCDPNPDDPLVPEIARIYKTDREKYNRIAREWTQKYAM
;
A,B
2 'polypeptide(L)'
;GSPEFEFKQKYDYFRKKLKKPADIPNRFEMKLHRNNIFEESYRRIMSVKRPDVLKARLWIEFESEKGLDYGGVAREWFFL
LSKEMFNPYYGLFEYSATDNYTLQINPNSGLCNEDHLSYFTFIGRVAGLAVFHGKLLDGFFIRPFYKMMLGKQITLNDME
SVDSEYYNSLKWILENDPTELDLMFCIDEENFGQTYQVDLKPNGSEIMVTNENKREYIDLVIQWRFVNRVQKQMNAFLEG
FTELLPIDLIKIFDENELELLMCGLGDVDVNDWRQHSIYKNGYCPNHPVIQWFWKAVLLMDAEKRIRLLQFVTGTSRVPM
NGFAELYGSNGPQLFTIEQWGSPEKLPRAHTSFNRLDLPPYETFEDLREKLLMAVENAQGFEGVD
;
C,D
3 'polypeptide(L)'
;GSGGSMQIFVKTLTGKTITLEVEPSDTIENVKAKIQDKEGIPPDQQRLIFAGKQLEDGRTLSDYNIQKESTLHLVLRLRG
G
;
X,Y
#
# COMPACT_ATOMS: atom_id res chain seq x y z
N ALA A 1 7.31 -2.71 -23.44
CA ALA A 1 6.90 -2.43 -22.03
C ALA A 1 8.17 -2.29 -21.16
N SER A 2 8.96 -3.35 -21.08
CA SER A 2 10.19 -3.33 -20.31
C SER A 2 11.13 -2.29 -20.91
N LYS A 3 11.64 -2.57 -22.11
CA LYS A 3 12.56 -1.65 -22.79
C LYS A 3 12.02 -0.23 -22.81
N ARG A 4 10.70 -0.10 -22.97
CA ARG A 4 10.09 1.21 -23.00
C ARG A 4 10.35 1.99 -21.72
N ILE A 5 10.29 1.30 -20.58
CA ILE A 5 10.50 1.95 -19.30
C ILE A 5 11.95 2.33 -18.99
N HIS A 6 12.87 1.39 -19.20
CA HIS A 6 14.28 1.68 -18.96
C HIS A 6 14.67 2.91 -19.74
N LYS A 7 14.59 2.80 -21.07
CA LYS A 7 14.93 3.89 -21.96
C LYS A 7 14.39 5.21 -21.45
N GLU A 8 13.11 5.24 -21.11
CA GLU A 8 12.47 6.45 -20.61
C GLU A 8 13.09 6.91 -19.31
N LEU A 9 13.62 5.94 -18.56
CA LEU A 9 14.27 6.21 -17.29
C LEU A 9 15.58 6.95 -17.51
N ASN A 10 16.43 6.39 -18.36
CA ASN A 10 17.72 7.01 -18.68
C ASN A 10 17.50 8.38 -19.31
N ASP A 11 16.40 8.55 -20.03
CA ASP A 11 16.10 9.82 -20.66
C ASP A 11 15.85 10.89 -19.60
N LEU A 12 15.46 10.44 -18.41
CA LEU A 12 15.25 11.35 -17.29
C LEU A 12 16.63 11.64 -16.71
N ALA A 13 17.50 10.65 -16.72
CA ALA A 13 18.84 10.78 -16.14
C ALA A 13 19.77 11.73 -16.88
N ARG A 14 19.44 11.94 -18.15
CA ARG A 14 20.34 12.62 -19.04
C ARG A 14 20.07 14.11 -19.07
N ASP A 15 18.77 14.42 -19.12
CA ASP A 15 18.17 15.79 -19.01
C ASP A 15 16.80 15.63 -18.33
N PRO A 16 16.85 15.66 -17.01
CA PRO A 16 15.74 15.50 -16.10
C PRO A 16 14.77 16.61 -16.16
N PRO A 17 13.59 16.36 -15.64
CA PRO A 17 12.54 17.36 -15.64
C PRO A 17 12.70 18.28 -14.45
N ALA A 18 12.98 19.56 -14.71
CA ALA A 18 13.17 20.54 -13.65
C ALA A 18 12.03 20.54 -12.62
N GLN A 19 12.39 20.66 -11.34
CA GLN A 19 11.42 20.73 -10.22
C GLN A 19 10.81 19.42 -9.77
N CYS A 20 11.22 18.35 -10.46
CA CYS A 20 10.71 17.02 -10.27
C CYS A 20 11.71 15.94 -10.67
N SER A 21 11.82 14.96 -9.78
CA SER A 21 12.67 13.79 -9.90
C SER A 21 11.71 12.64 -9.74
N ALA A 22 12.03 11.50 -10.35
CA ALA A 22 11.15 10.36 -10.29
C ALA A 22 11.89 9.15 -10.82
N GLY A 23 11.87 8.09 -10.03
CA GLY A 23 12.54 6.88 -10.43
C GLY A 23 11.99 5.75 -9.59
N PRO A 24 12.28 4.51 -9.99
CA PRO A 24 11.82 3.34 -9.25
C PRO A 24 12.57 3.13 -7.95
N VAL A 25 11.85 2.67 -6.93
CA VAL A 25 12.47 2.38 -5.65
C VAL A 25 12.36 0.88 -5.53
N GLY A 26 13.34 0.25 -4.89
CA GLY A 26 13.31 -1.19 -4.81
C GLY A 26 13.70 -1.65 -6.20
N ASP A 27 13.53 -2.92 -6.50
CA ASP A 27 13.91 -3.42 -7.83
C ASP A 27 12.83 -3.20 -8.87
N ASP A 28 11.57 -3.41 -8.46
CA ASP A 28 10.45 -3.27 -9.37
C ASP A 28 10.55 -2.08 -10.32
N MET A 29 10.35 -2.36 -11.62
CA MET A 29 10.41 -1.36 -12.66
C MET A 29 9.03 -0.85 -13.06
N PHE A 30 8.01 -1.33 -12.37
CA PHE A 30 6.63 -0.95 -12.64
C PHE A 30 6.08 -0.09 -11.50
N HIS A 31 6.95 0.26 -10.56
CA HIS A 31 6.54 1.07 -9.43
C HIS A 31 7.58 2.12 -9.11
N TRP A 32 7.34 3.34 -9.59
CA TRP A 32 8.25 4.44 -9.36
C TRP A 32 7.63 5.36 -8.34
N GLN A 33 8.41 6.35 -7.90
CA GLN A 33 7.93 7.35 -6.96
C GLN A 33 8.55 8.66 -7.38
N ALA A 34 7.75 9.73 -7.36
CA ALA A 34 8.24 11.02 -7.77
C ALA A 34 8.08 12.09 -6.69
N THR A 35 8.85 13.15 -6.85
CA THR A 35 8.85 14.29 -5.95
C THR A 35 8.65 15.52 -6.82
N ILE A 36 7.85 16.46 -6.34
CA ILE A 36 7.59 17.68 -7.07
C ILE A 36 7.70 18.80 -6.06
N MET A 37 8.36 19.89 -6.42
CA MET A 37 8.48 20.99 -5.50
C MET A 37 7.48 22.08 -5.79
N GLY A 38 6.81 22.55 -4.74
CA GLY A 38 5.80 23.57 -4.86
C GLY A 38 6.29 24.71 -5.73
N PRO A 39 5.65 24.96 -6.88
CA PRO A 39 6.07 26.05 -7.77
C PRO A 39 6.36 27.29 -6.94
N ASN A 40 7.43 27.99 -7.28
CA ASN A 40 7.78 29.19 -6.54
C ASN A 40 6.70 30.25 -6.63
N ASP A 41 6.47 30.90 -5.49
CA ASP A 41 5.49 31.96 -5.38
C ASP A 41 4.07 31.50 -5.72
N SER A 42 3.77 30.29 -5.25
CA SER A 42 2.46 29.67 -5.39
C SER A 42 2.16 29.44 -3.93
N PRO A 43 0.92 29.10 -3.58
CA PRO A 43 0.72 28.88 -2.14
C PRO A 43 1.49 27.66 -1.63
N TYR A 44 2.00 26.84 -2.55
CA TYR A 44 2.74 25.63 -2.21
C TYR A 44 4.24 25.90 -2.14
N GLN A 45 4.59 27.16 -1.98
CA GLN A 45 5.99 27.57 -1.91
C GLN A 45 6.68 26.84 -0.75
N GLY A 46 7.92 26.40 -0.98
CA GLY A 46 8.67 25.74 0.06
C GLY A 46 8.38 24.26 0.28
N GLY A 47 7.17 23.84 -0.05
CA GLY A 47 6.79 22.45 0.14
C GLY A 47 7.45 21.50 -0.85
N VAL A 48 7.32 20.21 -0.59
CA VAL A 48 7.85 19.15 -1.43
C VAL A 48 6.86 18.01 -1.33
N PHE A 49 6.20 17.70 -2.44
CA PHE A 49 5.21 16.64 -2.44
C PHE A 49 5.76 15.34 -3.04
N PHE A 50 5.26 14.20 -2.55
CA PHE A 50 5.68 12.88 -3.04
C PHE A 50 4.55 12.24 -3.83
N LEU A 51 4.92 11.55 -4.90
CA LEU A 51 3.95 10.89 -5.77
C LEU A 51 4.31 9.45 -6.06
N THR A 52 3.30 8.65 -6.36
CA THR A 52 3.53 7.25 -6.72
C THR A 52 3.20 7.16 -8.21
N ILE A 53 3.97 6.35 -8.93
CA ILE A 53 3.74 6.18 -10.34
C ILE A 53 3.74 4.71 -10.65
N HIS A 54 2.55 4.13 -10.74
CA HIS A 54 2.42 2.72 -11.03
C HIS A 54 2.16 2.51 -12.53
N PHE A 55 3.05 1.79 -13.20
CA PHE A 55 2.90 1.52 -14.63
C PHE A 55 2.20 0.18 -14.79
N PRO A 56 1.04 0.15 -15.47
CA PRO A 56 0.30 -1.09 -15.68
C PRO A 56 1.00 -1.96 -16.69
N THR A 57 0.73 -3.26 -16.66
CA THR A 57 1.34 -4.18 -17.62
C THR A 57 0.83 -3.89 -19.02
N ASP A 58 -0.11 -2.96 -19.14
CA ASP A 58 -0.65 -2.62 -20.44
C ASP A 58 -0.05 -1.33 -20.99
N TYR A 59 1.06 -0.92 -20.38
CA TYR A 59 1.77 0.26 -20.82
C TYR A 59 2.55 -0.08 -22.09
N PRO A 60 2.65 0.88 -23.01
CA PRO A 60 2.05 2.20 -22.83
C PRO A 60 0.70 2.38 -23.48
N PHE A 61 0.04 1.28 -23.81
CA PHE A 61 -1.27 1.38 -24.45
C PHE A 61 -2.31 1.99 -23.51
N LYS A 62 -2.04 1.87 -22.22
CA LYS A 62 -2.90 2.42 -21.17
C LYS A 62 -1.99 3.38 -20.41
N PRO A 63 -2.54 4.50 -19.94
CA PRO A 63 -1.76 5.49 -19.20
C PRO A 63 -1.30 4.96 -17.86
N PRO A 64 -0.21 5.51 -17.31
CA PRO A 64 0.31 5.06 -16.02
C PRO A 64 -0.58 5.66 -14.95
N LYS A 65 -0.74 4.97 -13.82
CA LYS A 65 -1.57 5.53 -12.74
C LYS A 65 -0.68 6.41 -11.86
N VAL A 66 -1.00 7.71 -11.77
CA VAL A 66 -0.22 8.67 -10.99
C VAL A 66 -1.01 9.29 -9.85
N ALA A 67 -0.44 9.26 -8.64
CA ALA A 67 -1.13 9.83 -7.50
C ALA A 67 -0.22 10.54 -6.50
N PHE A 68 -0.81 11.50 -5.77
CA PHE A 68 -0.11 12.25 -4.74
C PHE A 68 -0.21 11.46 -3.46
N THR A 69 0.88 11.30 -2.73
CA THR A 69 0.83 10.58 -1.46
C THR A 69 0.77 11.64 -0.36
N THR A 70 1.40 12.79 -0.62
CA THR A 70 1.47 13.91 0.31
C THR A 70 0.22 14.77 0.27
N ARG A 71 -0.42 14.95 1.41
CA ARG A 71 -1.62 15.77 1.48
C ARG A 71 -1.38 17.13 0.83
N ILE A 72 -2.31 17.56 -0.01
CA ILE A 72 -2.18 18.82 -0.70
C ILE A 72 -3.56 19.46 -0.85
N TYR A 73 -3.64 20.77 -0.67
CA TYR A 73 -4.92 21.46 -0.80
C TYR A 73 -5.02 22.12 -2.17
N HIS A 74 -5.67 21.43 -3.09
CA HIS A 74 -5.81 21.88 -4.46
C HIS A 74 -7.21 21.55 -5.00
N PRO A 75 -7.64 22.23 -6.05
CA PRO A 75 -8.99 21.91 -6.56
C PRO A 75 -9.12 20.62 -7.37
N ASN A 76 -8.04 20.18 -8.01
CA ASN A 76 -8.10 18.95 -8.83
C ASN A 76 -7.35 17.78 -8.24
N ILE A 77 -7.06 17.85 -6.95
CA ILE A 77 -6.36 16.78 -6.26
C ILE A 77 -7.09 16.50 -4.95
N ASN A 78 -7.62 15.30 -4.77
CA ASN A 78 -8.34 15.02 -3.53
C ASN A 78 -7.45 14.46 -2.42
N SER A 79 -8.07 13.97 -1.35
CA SER A 79 -7.37 13.42 -0.21
C SER A 79 -6.56 12.17 -0.50
N ASN A 80 -7.04 11.35 -1.43
CA ASN A 80 -6.32 10.12 -1.78
C ASN A 80 -5.13 10.49 -2.63
N GLY A 81 -5.20 11.66 -3.26
CA GLY A 81 -4.13 12.11 -4.12
C GLY A 81 -4.48 11.85 -5.56
N SER A 82 -5.73 11.53 -5.84
CA SER A 82 -6.15 11.27 -7.21
C SER A 82 -6.10 12.58 -8.00
N ILE A 83 -5.38 12.57 -9.10
CA ILE A 83 -5.21 13.77 -9.93
C ILE A 83 -6.15 13.84 -11.12
N SER A 84 -6.91 14.92 -11.20
CA SER A 84 -7.81 15.09 -12.32
C SER A 84 -7.11 15.80 -13.43
N LEU A 85 -6.31 15.05 -14.19
CA LEU A 85 -5.56 15.60 -15.29
C LEU A 85 -6.02 14.84 -16.51
N ASP A 86 -6.21 15.54 -17.63
CA ASP A 86 -6.69 14.89 -18.85
C ASP A 86 -5.74 13.93 -19.54
N ILE A 87 -4.46 14.27 -19.66
CA ILE A 87 -3.51 13.39 -20.33
C ILE A 87 -3.25 12.12 -19.53
N LEU A 88 -4.03 11.94 -18.47
CA LEU A 88 -3.90 10.75 -17.65
C LEU A 88 -5.06 9.77 -17.88
N ARG A 89 -6.04 10.18 -18.69
CA ARG A 89 -7.19 9.33 -18.98
C ARG A 89 -7.64 9.33 -20.44
N SER A 90 -8.44 10.34 -20.76
CA SER A 90 -8.99 10.53 -22.09
C SER A 90 -7.95 11.04 -23.08
N GLN A 91 -6.92 11.75 -22.60
CA GLN A 91 -5.91 12.32 -23.51
C GLN A 91 -4.58 11.58 -23.63
N TRP A 92 -4.39 10.53 -22.86
CA TRP A 92 -3.16 9.79 -22.93
C TRP A 92 -2.89 9.33 -24.36
N SER A 93 -1.62 9.22 -24.69
CA SER A 93 -1.18 8.74 -26.00
C SER A 93 0.13 8.03 -25.76
N PRO A 94 0.29 6.86 -26.37
CA PRO A 94 1.51 6.07 -26.23
C PRO A 94 2.80 6.87 -26.41
N ALA A 95 2.71 7.98 -27.13
CA ALA A 95 3.87 8.81 -27.39
C ALA A 95 4.37 9.58 -26.17
N LEU A 96 3.44 10.08 -25.34
CA LEU A 96 3.79 10.87 -24.15
C LEU A 96 4.86 10.27 -23.26
N LYS A 97 5.78 11.12 -22.80
CA LYS A 97 6.87 10.70 -21.92
C LYS A 97 6.57 11.19 -20.50
N ILE A 98 7.11 10.49 -19.50
CA ILE A 98 6.89 10.86 -18.10
C ILE A 98 7.29 12.28 -17.80
N SER A 99 8.48 12.66 -18.23
CA SER A 99 8.97 14.01 -18.01
C SER A 99 7.79 14.96 -18.21
N LYS A 100 7.12 14.82 -19.35
CA LYS A 100 5.99 15.65 -19.73
C LYS A 100 4.70 15.52 -18.90
N VAL A 101 4.52 14.40 -18.21
CA VAL A 101 3.33 14.22 -17.38
C VAL A 101 3.63 14.85 -16.03
N LEU A 102 4.89 14.74 -15.63
CA LEU A 102 5.37 15.30 -14.37
C LEU A 102 5.31 16.81 -14.47
N LEU A 103 5.86 17.35 -15.56
CA LEU A 103 5.85 18.77 -15.79
C LEU A 103 4.41 19.27 -15.84
N SER A 104 3.53 18.50 -16.47
CA SER A 104 2.14 18.91 -16.55
C SER A 104 1.51 19.07 -15.17
N ILE A 105 1.97 18.26 -14.22
CA ILE A 105 1.45 18.32 -12.85
C ILE A 105 1.94 19.57 -12.11
N CYS A 106 3.12 20.06 -12.49
CA CYS A 106 3.67 21.28 -11.89
C CYS A 106 2.75 22.41 -12.31
N SER A 107 2.45 22.42 -13.60
CA SER A 107 1.58 23.41 -14.21
C SER A 107 0.29 23.53 -13.42
N LEU A 108 -0.36 22.39 -13.21
CA LEU A 108 -1.62 22.32 -12.49
C LEU A 108 -1.51 22.88 -11.07
N LEU A 109 -0.33 22.81 -10.48
CA LEU A 109 -0.10 23.30 -9.12
C LEU A 109 -0.11 24.81 -8.94
N CYS A 110 0.52 25.53 -9.86
CA CYS A 110 0.57 26.99 -9.76
C CYS A 110 -0.63 27.65 -10.44
N ASP A 111 -1.24 26.92 -11.37
CA ASP A 111 -2.43 27.42 -12.07
C ASP A 111 -3.52 26.36 -12.21
N PRO A 112 -4.32 26.19 -11.16
CA PRO A 112 -5.43 25.23 -11.08
C PRO A 112 -6.45 25.35 -12.22
N ASN A 113 -7.43 24.45 -12.22
CA ASN A 113 -8.48 24.45 -13.23
C ASN A 113 -9.80 24.36 -12.46
N PRO A 114 -10.15 25.43 -11.75
CA PRO A 114 -11.36 25.56 -10.93
C PRO A 114 -12.72 25.34 -11.57
N ASP A 115 -12.75 25.13 -12.89
CA ASP A 115 -14.03 24.92 -13.55
C ASP A 115 -14.36 23.46 -13.88
N ASP A 116 -13.34 22.62 -13.82
CA ASP A 116 -13.43 21.18 -14.05
C ASP A 116 -12.77 20.67 -12.78
N PRO A 117 -13.41 20.90 -11.61
CA PRO A 117 -12.83 20.47 -10.35
C PRO A 117 -13.09 19.04 -9.93
N LEU A 118 -12.26 18.56 -9.01
CA LEU A 118 -12.38 17.22 -8.45
C LEU A 118 -12.92 17.42 -7.03
N VAL A 119 -12.53 18.54 -6.44
CA VAL A 119 -12.96 18.89 -5.10
C VAL A 119 -13.75 20.17 -5.25
N PRO A 120 -15.08 20.08 -5.19
CA PRO A 120 -15.98 21.23 -5.34
C PRO A 120 -15.75 22.37 -4.36
N GLU A 121 -15.76 22.04 -3.06
CA GLU A 121 -15.59 23.03 -2.02
C GLU A 121 -14.39 23.93 -2.26
N ILE A 122 -13.26 23.33 -2.57
CA ILE A 122 -12.03 24.08 -2.82
C ILE A 122 -12.14 24.94 -4.08
N ALA A 123 -12.76 24.42 -5.13
CA ALA A 123 -12.92 25.15 -6.38
C ALA A 123 -13.63 26.46 -6.13
N ARG A 124 -14.77 26.40 -5.44
CA ARG A 124 -15.54 27.61 -5.14
C ARG A 124 -14.71 28.64 -4.40
N ILE A 125 -13.84 28.19 -3.51
CA ILE A 125 -12.99 29.10 -2.74
C ILE A 125 -11.97 29.77 -3.65
N TYR A 126 -11.25 28.98 -4.45
CA TYR A 126 -10.24 29.52 -5.35
C TYR A 126 -10.86 30.45 -6.40
N LYS A 127 -12.19 30.44 -6.48
CA LYS A 127 -12.90 31.27 -7.43
C LYS A 127 -13.47 32.54 -6.78
N THR A 128 -14.14 32.37 -5.64
CA THR A 128 -14.73 33.51 -4.95
C THR A 128 -13.78 34.21 -3.99
N ASP A 129 -13.23 33.48 -3.02
CA ASP A 129 -12.30 34.06 -2.02
C ASP A 129 -10.86 33.62 -2.20
N ARG A 130 -10.22 34.05 -3.28
CA ARG A 130 -8.84 33.67 -3.57
C ARG A 130 -7.87 33.68 -2.38
N GLU A 131 -7.67 34.84 -1.77
CA GLU A 131 -6.75 34.93 -0.63
C GLU A 131 -7.04 33.93 0.47
N LYS A 132 -8.28 33.43 0.52
CA LYS A 132 -8.65 32.42 1.51
C LYS A 132 -7.89 31.18 1.06
N TYR A 133 -8.29 30.67 -0.11
CA TYR A 133 -7.66 29.50 -0.70
C TYR A 133 -6.17 29.54 -0.47
N ASN A 134 -5.54 30.66 -0.79
CA ASN A 134 -4.10 30.79 -0.62
C ASN A 134 -3.68 30.61 0.83
N ARG A 135 -4.39 31.26 1.75
CA ARG A 135 -4.07 31.14 3.17
C ARG A 135 -4.11 29.68 3.61
N ILE A 136 -5.19 28.98 3.26
CA ILE A 136 -5.38 27.58 3.61
C ILE A 136 -4.35 26.67 2.97
N ALA A 137 -4.34 26.69 1.64
CA ALA A 137 -3.41 25.88 0.86
C ALA A 137 -2.00 26.05 1.36
N ARG A 138 -1.66 27.27 1.77
CA ARG A 138 -0.31 27.52 2.27
C ARG A 138 -0.09 26.79 3.59
N GLU A 139 -1.07 26.83 4.47
CA GLU A 139 -0.96 26.18 5.78
C GLU A 139 -0.78 24.67 5.71
N TRP A 140 -1.39 24.05 4.70
CA TRP A 140 -1.29 22.61 4.49
C TRP A 140 0.13 22.26 4.12
N THR A 141 0.77 23.17 3.38
CA THR A 141 2.14 22.99 2.96
C THR A 141 3.04 22.96 4.18
N GLN A 142 2.63 23.66 5.24
CA GLN A 142 3.40 23.72 6.48
C GLN A 142 3.28 22.42 7.28
N LYS A 143 2.07 21.85 7.27
CA LYS A 143 1.78 20.63 8.00
C LYS A 143 2.15 19.30 7.31
N TYR A 144 1.84 19.17 6.03
CA TYR A 144 2.13 17.93 5.31
C TYR A 144 3.26 17.93 4.31
N ALA A 145 3.55 19.09 3.74
CA ALA A 145 4.59 19.19 2.73
C ALA A 145 5.98 19.56 3.21
N MET A 146 6.17 19.72 4.51
CA MET A 146 7.49 20.10 5.01
C MET A 146 8.15 19.05 5.88
N ALA B 1 19.44 -9.64 41.57
CA ALA B 1 18.14 -9.17 42.12
C ALA B 1 18.18 -9.47 43.61
N SER B 2 17.26 -10.29 44.11
CA SER B 2 17.29 -10.63 45.53
C SER B 2 18.76 -10.69 46.01
N LYS B 3 19.54 -11.68 45.57
CA LYS B 3 20.93 -11.77 46.04
C LYS B 3 21.93 -10.82 45.39
N ARG B 4 21.82 -10.66 44.08
CA ARG B 4 22.72 -9.80 43.35
C ARG B 4 22.63 -8.39 43.91
N ILE B 5 21.41 -7.86 43.94
CA ILE B 5 21.17 -6.50 44.41
C ILE B 5 21.45 -6.27 45.89
N HIS B 6 21.06 -7.21 46.74
CA HIS B 6 21.30 -7.07 48.17
C HIS B 6 22.78 -7.03 48.45
N LYS B 7 23.55 -7.93 47.85
CA LYS B 7 24.99 -7.93 48.10
C LYS B 7 25.67 -6.70 47.54
N GLU B 8 25.12 -6.13 46.47
CA GLU B 8 25.72 -4.93 45.86
C GLU B 8 25.59 -3.76 46.84
N LEU B 9 24.48 -3.74 47.58
CA LEU B 9 24.18 -2.70 48.56
C LEU B 9 25.07 -2.74 49.78
N ASN B 10 25.39 -3.94 50.24
CA ASN B 10 26.24 -4.11 51.40
C ASN B 10 27.65 -3.66 51.08
N ASP B 11 28.08 -3.89 49.86
CA ASP B 11 29.42 -3.48 49.44
C ASP B 11 29.48 -1.96 49.45
N LEU B 12 28.32 -1.33 49.35
CA LEU B 12 28.23 0.13 49.36
C LEU B 12 28.09 0.50 50.82
N ALA B 13 27.58 -0.44 51.61
CA ALA B 13 27.39 -0.17 53.04
C ALA B 13 28.53 -0.63 53.97
N ARG B 14 29.58 -1.12 53.33
CA ARG B 14 30.79 -1.57 54.01
C ARG B 14 31.95 -0.84 53.36
N ASP B 15 31.76 -0.37 52.12
CA ASP B 15 32.84 0.36 51.46
C ASP B 15 32.32 1.40 50.45
N PRO B 16 31.48 2.34 50.89
CA PRO B 16 30.94 3.36 49.97
C PRO B 16 31.97 4.08 49.10
N PRO B 17 31.69 4.21 47.79
CA PRO B 17 32.58 4.87 46.84
C PRO B 17 32.80 6.31 47.23
N ALA B 18 33.83 6.93 46.66
CA ALA B 18 34.15 8.30 46.97
C ALA B 18 33.19 9.30 46.36
N GLN B 19 32.79 10.29 47.16
CA GLN B 19 31.88 11.36 46.75
C GLN B 19 30.49 10.87 46.36
N CYS B 20 30.17 9.63 46.75
CA CYS B 20 28.89 9.05 46.37
C CYS B 20 28.36 8.01 47.35
N SER B 21 27.12 8.20 47.77
CA SER B 21 26.43 7.27 48.64
C SER B 21 25.10 6.95 47.96
N ALA B 22 24.68 5.69 48.09
CA ALA B 22 23.48 5.21 47.44
C ALA B 22 22.83 4.15 48.31
N GLY B 23 21.51 4.06 48.24
CA GLY B 23 20.79 3.09 49.03
C GLY B 23 19.38 2.99 48.54
N PRO B 24 18.62 1.99 48.99
CA PRO B 24 17.23 1.77 48.59
C PRO B 24 16.31 2.83 49.16
N VAL B 25 15.46 3.37 48.28
CA VAL B 25 14.49 4.37 48.67
C VAL B 25 13.43 3.60 49.45
N GLY B 26 13.44 3.79 50.77
CA GLY B 26 12.48 3.08 51.59
C GLY B 26 12.89 1.63 51.69
N ASP B 27 12.02 0.72 51.22
CA ASP B 27 12.31 -0.71 51.30
C ASP B 27 12.31 -1.50 49.98
N ASP B 28 11.67 -0.99 48.93
CA ASP B 28 11.70 -1.73 47.65
C ASP B 28 13.12 -1.70 47.08
N MET B 29 13.64 -2.87 46.68
CA MET B 29 15.00 -2.98 46.15
C MET B 29 15.32 -2.43 44.77
N PHE B 30 14.31 -2.26 43.93
CA PHE B 30 14.56 -1.78 42.57
C PHE B 30 14.64 -0.27 42.40
N HIS B 31 14.46 0.47 43.49
CA HIS B 31 14.53 1.93 43.39
C HIS B 31 15.50 2.46 44.41
N TRP B 32 16.52 3.14 43.91
CA TRP B 32 17.58 3.67 44.75
C TRP B 32 17.74 5.17 44.67
N GLN B 33 18.12 5.76 45.80
CA GLN B 33 18.39 7.17 45.85
C GLN B 33 19.88 7.26 45.69
N ALA B 34 20.37 8.38 45.18
CA ALA B 34 21.80 8.54 45.01
C ALA B 34 22.17 10.01 45.15
N THR B 35 23.32 10.26 45.76
CA THR B 35 23.80 11.61 45.98
C THR B 35 25.27 11.68 45.54
N ILE B 36 25.66 12.77 44.90
CA ILE B 36 27.04 12.91 44.46
C ILE B 36 27.62 14.28 44.77
N MET B 37 28.60 14.33 45.66
CA MET B 37 29.25 15.59 46.00
C MET B 37 30.02 15.98 44.75
N GLY B 38 29.63 17.10 44.13
CA GLY B 38 30.33 17.54 42.95
C GLY B 38 31.83 17.51 43.15
N PRO B 39 32.58 16.69 42.40
CA PRO B 39 34.04 16.62 42.54
C PRO B 39 34.74 17.97 42.60
N ASN B 40 35.77 18.06 43.45
CA ASN B 40 36.52 19.29 43.61
C ASN B 40 37.36 19.63 42.38
N ASP B 41 37.63 20.92 42.19
CA ASP B 41 38.39 21.40 41.03
C ASP B 41 37.68 21.03 39.70
N SER B 42 36.39 21.41 39.67
CA SER B 42 35.48 21.21 38.55
C SER B 42 34.45 22.29 38.81
N PRO B 43 33.80 22.80 37.75
CA PRO B 43 32.81 23.85 38.03
C PRO B 43 31.60 23.47 38.90
N TYR B 44 31.64 22.28 39.50
CA TYR B 44 30.53 21.83 40.35
C TYR B 44 30.94 21.68 41.80
N GLN B 45 32.15 22.14 42.11
CA GLN B 45 32.69 22.04 43.45
C GLN B 45 31.72 22.52 44.50
N GLY B 46 31.48 21.67 45.50
CA GLY B 46 30.60 22.01 46.59
C GLY B 46 29.12 21.82 46.36
N GLY B 47 28.76 21.18 45.24
CA GLY B 47 27.36 20.95 44.99
C GLY B 47 26.93 19.57 45.42
N VAL B 48 25.67 19.43 45.79
CA VAL B 48 25.18 18.12 46.13
C VAL B 48 24.02 17.83 45.20
N PHE B 49 24.27 16.86 44.32
CA PHE B 49 23.36 16.41 43.30
C PHE B 49 22.78 15.04 43.66
N PHE B 50 21.48 14.89 43.47
CA PHE B 50 20.83 13.62 43.74
C PHE B 50 20.46 12.98 42.40
N LEU B 51 20.46 11.63 42.38
CA LEU B 51 20.12 10.87 41.19
C LEU B 51 19.15 9.76 41.57
N THR B 52 18.50 9.17 40.56
CA THR B 52 17.56 8.09 40.79
C THR B 52 17.98 6.86 40.01
N ILE B 53 18.31 5.79 40.73
CA ILE B 53 18.72 4.56 40.10
C ILE B 53 17.53 3.62 40.13
N HIS B 54 17.20 3.08 38.97
CA HIS B 54 16.09 2.17 38.85
C HIS B 54 16.59 0.87 38.24
N PHE B 55 16.59 -0.21 39.02
CA PHE B 55 17.03 -1.50 38.54
C PHE B 55 15.86 -2.20 37.86
N PRO B 56 15.97 -2.48 36.55
CA PRO B 56 14.91 -3.17 35.80
C PRO B 56 14.76 -4.62 36.26
N THR B 57 13.66 -5.28 35.94
CA THR B 57 13.50 -6.66 36.40
C THR B 57 14.57 -7.58 35.81
N ASP B 58 15.20 -7.16 34.72
CA ASP B 58 16.24 -7.97 34.11
C ASP B 58 17.67 -7.73 34.60
N TYR B 59 17.86 -6.89 35.61
CA TYR B 59 19.20 -6.63 36.11
C TYR B 59 19.68 -8.01 36.57
N PRO B 60 20.98 -8.33 36.36
CA PRO B 60 22.01 -7.46 35.79
C PRO B 60 22.26 -7.72 34.30
N PHE B 61 21.32 -8.39 33.63
CA PHE B 61 21.48 -8.65 32.21
C PHE B 61 21.30 -7.36 31.43
N LYS B 62 20.46 -6.47 31.94
CA LYS B 62 20.21 -5.18 31.31
C LYS B 62 20.76 -4.18 32.29
N PRO B 63 21.25 -3.03 31.80
CA PRO B 63 21.80 -1.98 32.65
C PRO B 63 20.69 -1.29 33.45
N PRO B 64 21.05 -0.63 34.56
CA PRO B 64 20.10 0.07 35.40
C PRO B 64 19.94 1.54 35.01
N LYS B 65 18.72 1.97 34.66
CA LYS B 65 18.49 3.38 34.25
C LYS B 65 18.83 4.35 35.39
N VAL B 66 19.73 5.28 35.09
CA VAL B 66 20.19 6.26 36.06
C VAL B 66 19.94 7.69 35.62
N ALA B 67 19.44 8.53 36.52
CA ALA B 67 19.18 9.92 36.17
C ALA B 67 19.39 10.96 37.27
N PHE B 68 19.81 12.16 36.87
CA PHE B 68 20.03 13.27 37.79
C PHE B 68 18.69 13.96 38.05
N THR B 69 18.26 14.06 39.30
CA THR B 69 17.01 14.78 39.58
C THR B 69 17.39 16.26 39.69
N THR B 70 18.59 16.53 40.22
CA THR B 70 19.08 17.89 40.37
C THR B 70 19.55 18.45 39.04
N ARG B 71 19.36 19.75 38.85
CA ARG B 71 19.74 20.41 37.61
C ARG B 71 21.25 20.59 37.44
N ILE B 72 21.78 20.07 36.34
CA ILE B 72 23.21 20.19 36.09
C ILE B 72 23.46 20.80 34.71
N TYR B 73 24.45 21.68 34.64
CA TYR B 73 24.83 22.31 33.37
C TYR B 73 25.99 21.49 32.81
N HIS B 74 25.66 20.38 32.16
CA HIS B 74 26.67 19.48 31.63
C HIS B 74 26.39 19.17 30.17
N PRO B 75 27.41 18.75 29.41
CA PRO B 75 27.26 18.40 27.99
C PRO B 75 26.69 17.01 27.76
N ASN B 76 26.89 16.13 28.72
CA ASN B 76 26.40 14.76 28.61
C ASN B 76 25.24 14.50 29.56
N ILE B 77 24.55 15.55 29.94
CA ILE B 77 23.41 15.43 30.83
C ILE B 77 22.40 16.46 30.40
N ASN B 78 21.24 16.02 29.92
CA ASN B 78 20.23 16.96 29.47
C ASN B 78 19.41 17.46 30.64
N SER B 79 18.46 18.34 30.33
CA SER B 79 17.61 18.95 31.35
C SER B 79 16.73 17.96 32.12
N ASN B 80 16.49 16.79 31.57
CA ASN B 80 15.67 15.80 32.25
C ASN B 80 16.51 14.95 33.17
N GLY B 81 17.79 15.26 33.23
CA GLY B 81 18.69 14.53 34.08
C GLY B 81 19.06 13.19 33.49
N SER B 82 18.89 13.05 32.18
CA SER B 82 19.22 11.81 31.50
C SER B 82 20.70 11.87 31.17
N ILE B 83 21.42 10.78 31.46
CA ILE B 83 22.86 10.71 31.27
C ILE B 83 23.34 9.94 30.06
N SER B 84 24.35 10.47 29.38
CA SER B 84 24.92 9.80 28.22
C SER B 84 26.25 9.23 28.64
N LEU B 85 26.22 7.98 29.09
CA LEU B 85 27.42 7.31 29.57
C LEU B 85 27.44 5.97 28.88
N ASP B 86 28.43 5.70 28.05
CA ASP B 86 28.45 4.43 27.33
C ASP B 86 28.18 3.17 28.15
N ILE B 87 28.75 3.09 29.34
CA ILE B 87 28.54 1.88 30.15
C ILE B 87 27.11 1.68 30.61
N LEU B 88 26.24 2.62 30.30
CA LEU B 88 24.84 2.50 30.71
C LEU B 88 24.00 1.96 29.57
N ARG B 89 24.63 1.75 28.41
CA ARG B 89 23.94 1.28 27.22
C ARG B 89 24.59 0.13 26.47
N SER B 90 25.53 0.46 25.60
CA SER B 90 26.23 -0.53 24.78
C SER B 90 27.37 -1.22 25.50
N GLN B 91 28.11 -0.46 26.30
CA GLN B 91 29.25 -1.01 27.03
C GLN B 91 28.91 -1.62 28.36
N TRP B 92 27.63 -1.86 28.59
CA TRP B 92 27.24 -2.46 29.85
C TRP B 92 27.53 -3.94 29.84
N SER B 93 27.89 -4.46 31.01
CA SER B 93 28.17 -5.87 31.20
C SER B 93 27.66 -6.19 32.58
N PRO B 94 27.30 -7.46 32.81
CA PRO B 94 26.79 -7.90 34.12
C PRO B 94 27.87 -7.85 35.20
N ALA B 95 29.11 -7.73 34.76
CA ALA B 95 30.26 -7.68 35.64
C ALA B 95 30.27 -6.37 36.42
N LEU B 96 29.82 -5.30 35.76
CA LEU B 96 29.79 -3.97 36.37
C LEU B 96 29.02 -3.94 37.70
N LYS B 97 29.52 -3.14 38.63
CA LYS B 97 28.89 -2.97 39.93
C LYS B 97 28.42 -1.52 40.07
N ILE B 98 27.35 -1.28 40.82
CA ILE B 98 26.83 0.07 40.97
C ILE B 98 27.89 1.10 41.34
N SER B 99 28.67 0.81 42.37
CA SER B 99 29.72 1.73 42.79
C SER B 99 30.53 2.18 41.57
N LYS B 100 30.83 1.25 40.67
CA LYS B 100 31.59 1.59 39.46
C LYS B 100 30.85 2.59 38.60
N VAL B 101 29.55 2.35 38.37
CA VAL B 101 28.74 3.25 37.56
C VAL B 101 28.81 4.62 38.20
N LEU B 102 28.52 4.67 39.51
CA LEU B 102 28.53 5.91 40.27
C LEU B 102 29.83 6.69 40.17
N LEU B 103 30.96 6.02 40.40
CA LEU B 103 32.27 6.67 40.30
C LEU B 103 32.49 7.10 38.85
N SER B 104 32.00 6.29 37.93
CA SER B 104 32.10 6.54 36.50
C SER B 104 31.35 7.82 36.10
N ILE B 105 30.44 8.25 36.96
CA ILE B 105 29.66 9.46 36.70
C ILE B 105 30.36 10.69 37.28
N CYS B 106 31.06 10.50 38.39
CA CYS B 106 31.80 11.61 38.98
C CYS B 106 32.89 11.97 37.98
N SER B 107 33.50 10.93 37.42
CA SER B 107 34.56 11.11 36.43
C SER B 107 34.07 11.98 35.30
N LEU B 108 32.84 11.74 34.88
CA LEU B 108 32.24 12.50 33.79
C LEU B 108 32.13 13.98 34.12
N LEU B 109 31.84 14.30 35.37
CA LEU B 109 31.72 15.69 35.81
C LEU B 109 33.05 16.42 35.79
N CYS B 110 34.13 15.69 36.00
CA CYS B 110 35.47 16.30 36.01
C CYS B 110 36.02 16.43 34.60
N ASP B 111 35.58 15.53 33.72
CA ASP B 111 36.02 15.49 32.33
C ASP B 111 34.89 15.08 31.39
N PRO B 112 34.19 16.06 30.80
CA PRO B 112 33.08 15.82 29.87
C PRO B 112 33.57 15.27 28.53
N ASN B 113 32.64 14.76 27.72
CA ASN B 113 32.97 14.26 26.39
C ASN B 113 32.27 15.21 25.43
N PRO B 114 32.95 16.31 25.11
CA PRO B 114 32.43 17.33 24.21
C PRO B 114 31.98 16.75 22.88
N ASP B 115 32.58 15.62 22.50
CA ASP B 115 32.25 14.95 21.25
C ASP B 115 30.90 14.28 21.21
N ASP B 116 30.52 13.63 22.30
CA ASP B 116 29.25 12.90 22.38
C ASP B 116 28.42 13.87 23.10
N PRO B 117 27.77 14.74 22.35
CA PRO B 117 26.91 15.76 22.93
C PRO B 117 25.51 15.28 23.19
N LEU B 118 25.10 15.35 24.45
CA LEU B 118 23.75 14.98 24.82
C LEU B 118 22.97 16.31 24.75
N VAL B 119 23.71 17.40 24.88
CA VAL B 119 23.17 18.75 24.79
C VAL B 119 24.09 19.42 23.79
N PRO B 120 23.64 19.55 22.55
CA PRO B 120 24.46 20.15 21.50
C PRO B 120 25.14 21.44 21.94
N GLU B 121 24.32 22.46 22.17
CA GLU B 121 24.79 23.76 22.58
C GLU B 121 25.95 23.75 23.57
N ILE B 122 25.67 23.34 24.80
CA ILE B 122 26.68 23.30 25.87
C ILE B 122 28.00 22.68 25.46
N ALA B 123 27.97 21.64 24.63
CA ALA B 123 29.20 20.99 24.20
C ALA B 123 30.06 21.95 23.39
N ARG B 124 29.40 22.81 22.61
CA ARG B 124 30.13 23.78 21.82
C ARG B 124 30.75 24.82 22.75
N ILE B 125 29.89 25.58 23.42
CA ILE B 125 30.33 26.61 24.36
C ILE B 125 31.48 26.12 25.24
N TYR B 126 31.57 24.81 25.43
CA TYR B 126 32.61 24.20 26.26
C TYR B 126 33.95 24.00 25.55
N LYS B 127 33.88 23.57 24.30
CA LYS B 127 35.09 23.28 23.53
C LYS B 127 35.62 24.42 22.71
N THR B 128 34.91 25.55 22.76
CA THR B 128 35.37 26.76 22.11
C THR B 128 35.70 27.71 23.25
N ASP B 129 34.75 27.90 24.17
CA ASP B 129 34.96 28.83 25.28
C ASP B 129 34.85 28.17 26.66
N ARG B 130 35.98 27.68 27.16
CA ARG B 130 36.02 27.03 28.48
C ARG B 130 35.54 27.96 29.59
N GLU B 131 36.09 29.17 29.65
CA GLU B 131 35.71 30.12 30.69
C GLU B 131 34.20 30.23 30.81
N LYS B 132 33.54 30.58 29.72
CA LYS B 132 32.09 30.71 29.71
C LYS B 132 31.43 29.53 30.42
N TYR B 133 31.71 28.32 29.94
CA TYR B 133 31.14 27.11 30.52
C TYR B 133 31.32 26.97 32.03
N ASN B 134 32.56 27.00 32.49
CA ASN B 134 32.85 26.88 33.90
C ASN B 134 32.05 27.86 34.72
N ARG B 135 31.91 29.08 34.20
CA ARG B 135 31.15 30.07 34.90
C ARG B 135 29.71 29.58 35.10
N ILE B 136 28.95 29.55 34.01
CA ILE B 136 27.54 29.13 34.07
C ILE B 136 27.30 27.89 34.92
N ALA B 137 28.21 26.91 34.82
CA ALA B 137 28.07 25.67 35.58
C ALA B 137 28.10 25.95 37.08
N ARG B 138 28.77 27.02 37.50
CA ARG B 138 28.86 27.38 38.91
C ARG B 138 27.54 27.99 39.34
N GLU B 139 27.00 28.84 38.48
CA GLU B 139 25.74 29.52 38.75
C GLU B 139 24.64 28.47 38.86
N TRP B 140 24.75 27.41 38.06
CA TRP B 140 23.77 26.34 38.10
C TRP B 140 23.99 25.53 39.36
N THR B 141 25.26 25.35 39.70
CA THR B 141 25.62 24.60 40.90
C THR B 141 25.26 25.43 42.11
N GLN B 142 25.04 26.72 41.91
CA GLN B 142 24.69 27.61 43.01
C GLN B 142 23.18 27.66 43.15
N LYS B 143 22.50 27.87 42.03
CA LYS B 143 21.04 27.93 42.03
C LYS B 143 20.38 26.60 42.41
N TYR B 144 20.89 25.49 41.88
CA TYR B 144 20.28 24.19 42.13
C TYR B 144 21.01 23.22 43.08
N ALA B 145 22.29 22.97 42.86
CA ALA B 145 23.02 22.01 43.69
C ALA B 145 23.20 22.44 45.13
N MET B 146 23.11 23.74 45.39
CA MET B 146 23.27 24.26 46.73
C MET B 146 21.96 24.71 47.32
N PHE C 5 -39.62 -0.19 -35.14
CA PHE C 5 -40.23 -1.05 -36.18
C PHE C 5 -39.31 -2.13 -36.72
N GLU C 6 -38.22 -1.70 -37.36
CA GLU C 6 -37.32 -2.64 -37.99
C GLU C 6 -36.96 -3.85 -37.13
N PHE C 7 -36.63 -3.61 -35.87
CA PHE C 7 -36.30 -4.71 -34.98
C PHE C 7 -37.53 -5.60 -34.73
N LYS C 8 -38.65 -4.97 -34.39
CA LYS C 8 -39.88 -5.71 -34.14
C LYS C 8 -40.21 -6.58 -35.37
N GLN C 9 -40.15 -5.98 -36.56
CA GLN C 9 -40.43 -6.70 -37.79
C GLN C 9 -39.59 -7.99 -37.79
N LYS C 10 -38.28 -7.82 -37.86
CA LYS C 10 -37.35 -8.94 -37.88
C LYS C 10 -37.63 -10.01 -36.82
N TYR C 11 -37.68 -9.63 -35.55
CA TYR C 11 -37.91 -10.60 -34.49
C TYR C 11 -39.03 -11.58 -34.81
N ASP C 12 -40.20 -11.04 -35.12
CA ASP C 12 -41.35 -11.89 -35.42
C ASP C 12 -41.09 -12.89 -36.54
N TYR C 13 -40.59 -12.40 -37.67
CA TYR C 13 -40.30 -13.30 -38.77
C TYR C 13 -39.37 -14.39 -38.27
N PHE C 14 -38.52 -14.01 -37.31
CA PHE C 14 -37.56 -14.94 -36.73
C PHE C 14 -38.28 -16.03 -35.95
N ARG C 15 -39.12 -15.58 -35.02
CA ARG C 15 -39.86 -16.49 -34.19
C ARG C 15 -40.54 -17.59 -35.00
N LYS C 16 -41.26 -17.20 -36.05
CA LYS C 16 -41.98 -18.17 -36.86
C LYS C 16 -41.15 -19.23 -37.60
N LYS C 17 -40.08 -18.81 -38.27
CA LYS C 17 -39.26 -19.78 -38.99
C LYS C 17 -38.90 -20.96 -38.10
N LEU C 18 -38.85 -20.71 -36.79
CA LEU C 18 -38.54 -21.76 -35.83
C LEU C 18 -39.67 -22.76 -35.85
N LYS C 19 -39.35 -24.03 -35.61
CA LYS C 19 -40.39 -25.05 -35.62
C LYS C 19 -40.21 -26.12 -34.57
N LYS C 20 -41.32 -26.42 -33.90
CA LYS C 20 -41.38 -27.42 -32.85
C LYS C 20 -41.57 -28.78 -33.50
N PRO C 21 -40.66 -29.74 -33.27
CA PRO C 21 -40.85 -31.06 -33.89
C PRO C 21 -42.11 -31.70 -33.29
N ALA C 22 -42.70 -32.67 -33.99
CA ALA C 22 -43.93 -33.28 -33.47
C ALA C 22 -43.76 -34.53 -32.60
N ASP C 23 -42.58 -35.14 -32.63
CA ASP C 23 -42.31 -36.35 -31.84
C ASP C 23 -41.54 -36.13 -30.53
N ILE C 24 -41.97 -35.10 -29.78
CA ILE C 24 -41.36 -34.75 -28.50
C ILE C 24 -42.45 -34.54 -27.46
N PRO C 25 -42.16 -34.87 -26.19
CA PRO C 25 -43.10 -34.72 -25.07
C PRO C 25 -43.85 -33.39 -25.05
N ASN C 26 -44.89 -33.33 -24.25
CA ASN C 26 -45.72 -32.13 -24.14
C ASN C 26 -44.90 -31.03 -23.48
N ARG C 27 -44.03 -31.43 -22.56
CA ARG C 27 -43.17 -30.50 -21.81
C ARG C 27 -41.85 -31.19 -21.45
N PHE C 28 -40.91 -30.39 -20.95
CA PHE C 28 -39.62 -30.93 -20.50
C PHE C 28 -39.66 -30.99 -18.97
N GLU C 29 -39.41 -32.18 -18.44
CA GLU C 29 -39.44 -32.43 -17.01
C GLU C 29 -38.21 -31.98 -16.23
N MET C 30 -38.36 -30.95 -15.42
CA MET C 30 -37.24 -30.47 -14.62
C MET C 30 -37.65 -30.13 -13.20
N LYS C 31 -36.93 -30.71 -12.25
CA LYS C 31 -37.17 -30.44 -10.84
C LYS C 31 -35.81 -30.57 -10.15
N LEU C 32 -35.32 -29.46 -9.60
CA LEU C 32 -34.01 -29.41 -8.95
C LEU C 32 -33.90 -28.41 -7.81
N HIS C 33 -32.91 -28.62 -6.95
CA HIS C 33 -32.68 -27.75 -5.80
C HIS C 33 -32.03 -26.44 -6.17
N ARG C 34 -32.68 -25.35 -5.79
CA ARG C 34 -32.18 -24.03 -6.09
C ARG C 34 -30.70 -23.85 -5.69
N ASN C 35 -30.28 -24.46 -4.59
CA ASN C 35 -28.91 -24.32 -4.10
C ASN C 35 -27.81 -25.15 -4.80
N ASN C 36 -28.17 -25.85 -5.88
CA ASN C 36 -27.17 -26.62 -6.62
C ASN C 36 -27.64 -26.67 -8.07
N ILE C 37 -28.27 -25.57 -8.47
CA ILE C 37 -28.83 -25.40 -9.80
C ILE C 37 -27.87 -25.70 -10.96
N PHE C 38 -26.68 -25.12 -10.96
CA PHE C 38 -25.73 -25.35 -12.05
C PHE C 38 -25.47 -26.81 -12.35
N GLU C 39 -24.77 -27.50 -11.46
CA GLU C 39 -24.47 -28.91 -11.70
C GLU C 39 -25.70 -29.74 -12.08
N GLU C 40 -26.78 -29.63 -11.30
CA GLU C 40 -27.99 -30.39 -11.60
C GLU C 40 -28.52 -30.07 -13.00
N SER C 41 -28.68 -28.78 -13.31
CA SER C 41 -29.16 -28.37 -14.63
C SER C 41 -28.23 -28.96 -15.68
N TYR C 42 -26.94 -28.89 -15.40
CA TYR C 42 -25.92 -29.41 -16.30
C TYR C 42 -26.16 -30.88 -16.66
N ARG C 43 -26.34 -31.72 -15.64
CA ARG C 43 -26.55 -33.14 -15.87
C ARG C 43 -27.81 -33.42 -16.68
N ARG C 44 -28.91 -32.76 -16.34
CA ARG C 44 -30.17 -32.96 -17.06
C ARG C 44 -30.03 -32.62 -18.54
N ILE C 45 -29.90 -31.34 -18.85
CA ILE C 45 -29.76 -30.87 -20.21
C ILE C 45 -28.71 -31.65 -21.01
N MET C 46 -27.60 -32.00 -20.35
CA MET C 46 -26.51 -32.68 -21.03
C MET C 46 -26.54 -34.21 -21.04
N SER C 47 -27.74 -34.77 -21.00
CA SER C 47 -27.86 -36.23 -21.05
C SER C 47 -28.86 -36.58 -22.14
N VAL C 48 -29.76 -35.64 -22.44
CA VAL C 48 -30.75 -35.85 -23.47
C VAL C 48 -30.03 -36.26 -24.74
N LYS C 49 -30.55 -37.26 -25.42
CA LYS C 49 -29.91 -37.73 -26.64
C LYS C 49 -30.68 -37.24 -27.85
N ARG C 50 -31.96 -36.93 -27.63
CA ARG C 50 -32.79 -36.38 -28.69
C ARG C 50 -32.80 -34.89 -28.34
N PRO C 51 -31.71 -34.18 -28.69
CA PRO C 51 -31.67 -32.75 -28.36
C PRO C 51 -32.94 -31.97 -28.70
N ASP C 52 -33.82 -32.58 -29.50
CA ASP C 52 -35.07 -31.95 -29.91
C ASP C 52 -36.09 -31.80 -28.77
N VAL C 53 -36.13 -32.79 -27.89
CA VAL C 53 -37.03 -32.81 -26.75
C VAL C 53 -36.99 -31.50 -25.97
N LEU C 54 -35.82 -30.86 -26.00
CA LEU C 54 -35.56 -29.60 -25.32
C LEU C 54 -36.39 -28.46 -25.91
N LYS C 55 -37.06 -28.74 -27.02
CA LYS C 55 -37.92 -27.75 -27.66
C LYS C 55 -39.32 -27.81 -27.07
N ALA C 56 -39.52 -28.71 -26.12
CA ALA C 56 -40.80 -28.82 -25.42
C ALA C 56 -40.88 -27.71 -24.36
N ARG C 57 -42.09 -27.46 -23.87
CA ARG C 57 -42.30 -26.42 -22.87
C ARG C 57 -41.50 -26.67 -21.60
N LEU C 58 -41.06 -25.59 -20.96
CA LEU C 58 -40.30 -25.70 -19.71
C LEU C 58 -41.24 -26.01 -18.56
N TRP C 59 -41.03 -27.16 -17.92
CA TRP C 59 -41.82 -27.55 -16.76
C TRP C 59 -40.83 -27.76 -15.60
N ILE C 60 -40.72 -26.74 -14.75
CA ILE C 60 -39.77 -26.73 -13.64
C ILE C 60 -40.32 -26.57 -12.21
N GLU C 61 -39.72 -27.31 -11.26
CA GLU C 61 -40.13 -27.27 -9.85
C GLU C 61 -38.93 -27.56 -8.94
N PHE C 62 -38.68 -26.71 -7.95
CA PHE C 62 -37.57 -26.96 -7.05
C PHE C 62 -38.04 -27.50 -5.72
N GLU C 63 -37.28 -28.44 -5.16
CA GLU C 63 -37.58 -29.00 -3.86
C GLU C 63 -37.13 -28.03 -2.79
N SER C 64 -37.61 -26.81 -2.92
CA SER C 64 -37.28 -25.81 -1.96
C SER C 64 -38.52 -24.92 -1.94
N GLU C 65 -38.70 -24.22 -3.06
CA GLU C 65 -39.79 -23.27 -3.26
C GLU C 65 -40.88 -24.00 -4.03
N LYS C 66 -41.82 -24.53 -3.25
CA LYS C 66 -42.94 -25.26 -3.81
C LYS C 66 -44.02 -24.26 -4.18
N GLY C 67 -43.72 -23.47 -5.20
CA GLY C 67 -44.68 -22.49 -5.67
C GLY C 67 -45.37 -23.18 -6.80
N LEU C 68 -46.69 -23.28 -6.73
CA LEU C 68 -47.42 -23.98 -7.75
C LEU C 68 -47.65 -23.08 -8.97
N ASP C 69 -46.58 -22.73 -9.66
CA ASP C 69 -46.73 -21.94 -10.88
C ASP C 69 -46.41 -22.85 -12.06
N TYR C 70 -45.14 -23.25 -12.17
CA TYR C 70 -44.74 -24.20 -13.19
C TYR C 70 -44.82 -23.69 -14.61
N GLY C 71 -45.04 -22.39 -14.68
CA GLY C 71 -44.96 -21.68 -15.93
C GLY C 71 -43.82 -20.68 -15.63
N GLY C 72 -43.99 -19.92 -14.54
CA GLY C 72 -43.05 -18.86 -14.16
C GLY C 72 -41.69 -19.28 -13.66
N VAL C 73 -41.60 -20.53 -13.24
CA VAL C 73 -40.34 -21.08 -12.78
C VAL C 73 -39.40 -21.20 -13.99
N ALA C 74 -39.90 -20.88 -15.18
CA ALA C 74 -39.09 -20.93 -16.39
C ALA C 74 -38.34 -19.61 -16.48
N ARG C 75 -39.03 -18.50 -16.23
CA ARG C 75 -38.41 -17.19 -16.26
C ARG C 75 -37.28 -17.16 -15.23
N GLU C 76 -37.51 -17.78 -14.09
CA GLU C 76 -36.53 -17.83 -13.00
C GLU C 76 -35.32 -18.74 -13.27
N TRP C 77 -35.60 -19.99 -13.61
CA TRP C 77 -34.55 -20.96 -13.90
C TRP C 77 -33.44 -20.38 -14.76
N PHE C 78 -33.79 -19.43 -15.65
CA PHE C 78 -32.79 -18.80 -16.52
C PHE C 78 -32.05 -17.73 -15.74
N PHE C 79 -32.82 -16.89 -15.06
CA PHE C 79 -32.23 -15.84 -14.27
C PHE C 79 -31.37 -16.43 -13.14
N LEU C 80 -31.66 -17.66 -12.76
CA LEU C 80 -30.92 -18.28 -11.69
C LEU C 80 -29.72 -19.06 -12.16
N LEU C 81 -29.84 -19.69 -13.31
CA LEU C 81 -28.72 -20.46 -13.83
C LEU C 81 -27.68 -19.52 -14.43
N SER C 82 -28.12 -18.36 -14.92
CA SER C 82 -27.18 -17.41 -15.50
C SER C 82 -26.21 -16.97 -14.42
N LYS C 83 -26.75 -16.48 -13.31
CA LYS C 83 -25.92 -16.00 -12.23
C LYS C 83 -24.80 -17.01 -11.90
N GLU C 84 -24.96 -18.24 -12.38
CA GLU C 84 -23.97 -19.29 -12.19
C GLU C 84 -22.97 -19.42 -13.36
N MET C 85 -23.49 -19.67 -14.55
CA MET C 85 -22.66 -19.83 -15.75
C MET C 85 -21.79 -18.61 -15.98
N PHE C 86 -22.42 -17.44 -15.99
CA PHE C 86 -21.70 -16.21 -16.21
C PHE C 86 -21.17 -15.56 -14.96
N ASN C 87 -20.70 -16.37 -14.04
CA ASN C 87 -20.14 -15.86 -12.80
C ASN C 87 -18.65 -15.78 -13.06
N PRO C 88 -18.06 -14.60 -12.89
CA PRO C 88 -16.63 -14.39 -13.10
C PRO C 88 -15.74 -15.28 -12.25
N TYR C 89 -16.32 -15.97 -11.28
CA TYR C 89 -15.51 -16.80 -10.39
C TYR C 89 -15.67 -18.28 -10.56
N TYR C 90 -16.52 -18.72 -11.47
CA TYR C 90 -16.67 -20.14 -11.68
C TYR C 90 -15.49 -20.53 -12.55
N GLY C 91 -15.03 -19.56 -13.34
CA GLY C 91 -13.89 -19.79 -14.22
C GLY C 91 -14.22 -19.98 -15.69
N LEU C 92 -15.49 -20.07 -16.04
CA LEU C 92 -15.83 -20.24 -17.44
C LEU C 92 -15.78 -18.91 -18.16
N PHE C 93 -16.30 -17.87 -17.52
CA PHE C 93 -16.27 -16.53 -18.09
C PHE C 93 -15.67 -15.55 -17.07
N GLU C 94 -15.30 -14.36 -17.52
CA GLU C 94 -14.72 -13.34 -16.63
C GLU C 94 -15.14 -11.96 -17.09
N TYR C 95 -14.78 -10.94 -16.32
CA TYR C 95 -15.12 -9.59 -16.71
C TYR C 95 -14.03 -9.01 -17.60
N SER C 96 -14.44 -8.30 -18.65
CA SER C 96 -13.47 -7.70 -19.56
C SER C 96 -12.56 -6.75 -18.80
N ALA C 97 -13.11 -6.07 -17.80
CA ALA C 97 -12.36 -5.14 -16.97
C ALA C 97 -12.85 -5.22 -15.54
N THR C 98 -12.11 -4.64 -14.62
CA THR C 98 -12.47 -4.65 -13.20
C THR C 98 -13.73 -3.83 -12.95
N ASP C 99 -14.01 -2.91 -13.86
CA ASP C 99 -15.18 -2.01 -13.77
C ASP C 99 -15.99 -1.94 -15.08
N ASN C 100 -16.19 -3.07 -15.75
CA ASN C 100 -16.93 -3.08 -17.00
C ASN C 100 -18.10 -4.04 -16.93
N TYR C 101 -17.93 -5.10 -16.13
CA TYR C 101 -18.98 -6.09 -15.95
C TYR C 101 -19.53 -6.75 -17.19
N THR C 102 -18.86 -6.63 -18.32
CA THR C 102 -19.33 -7.31 -19.52
C THR C 102 -18.47 -8.55 -19.60
N LEU C 103 -19.11 -9.70 -19.67
CA LEU C 103 -18.40 -10.98 -19.72
C LEU C 103 -17.68 -11.32 -21.02
N GLN C 104 -16.75 -12.26 -20.91
CA GLN C 104 -15.94 -12.75 -22.03
C GLN C 104 -15.28 -14.09 -21.66
N ILE C 105 -15.03 -14.94 -22.65
CA ILE C 105 -14.43 -16.23 -22.37
C ILE C 105 -13.06 -16.14 -21.71
N ASN C 106 -12.88 -16.90 -20.64
CA ASN C 106 -11.62 -16.91 -19.94
C ASN C 106 -10.69 -17.80 -20.73
N PRO C 107 -9.63 -17.22 -21.31
CA PRO C 107 -8.69 -18.05 -22.09
C PRO C 107 -8.10 -19.20 -21.26
N ASN C 108 -7.96 -18.96 -19.95
CA ASN C 108 -7.40 -19.95 -19.05
C ASN C 108 -8.52 -20.70 -18.33
N SER C 109 -9.61 -20.94 -19.04
CA SER C 109 -10.76 -21.65 -18.48
C SER C 109 -10.40 -23.10 -18.30
N GLY C 110 -9.58 -23.64 -19.20
CA GLY C 110 -9.19 -25.04 -19.11
C GLY C 110 -8.39 -25.36 -17.87
N LEU C 111 -7.54 -24.45 -17.44
CA LEU C 111 -6.72 -24.65 -16.26
C LEU C 111 -7.52 -24.42 -14.98
N CYS C 112 -8.83 -24.33 -15.11
CA CYS C 112 -9.72 -24.15 -13.95
C CYS C 112 -10.65 -25.37 -13.83
N ASN C 113 -11.59 -25.52 -14.76
CA ASN C 113 -12.49 -26.69 -14.80
C ASN C 113 -11.87 -27.62 -15.84
N GLU C 114 -11.64 -28.84 -15.39
CA GLU C 114 -10.87 -29.83 -16.11
C GLU C 114 -11.31 -30.39 -17.44
N ASP C 115 -12.57 -30.19 -17.75
CA ASP C 115 -13.15 -30.69 -18.99
C ASP C 115 -14.12 -29.65 -19.48
N HIS C 116 -13.77 -28.41 -19.18
CA HIS C 116 -14.55 -27.23 -19.52
C HIS C 116 -15.31 -27.20 -20.85
N LEU C 117 -14.80 -27.86 -21.89
CA LEU C 117 -15.47 -27.85 -23.19
C LEU C 117 -16.90 -28.37 -23.13
N SER C 118 -17.10 -29.45 -22.35
CA SER C 118 -18.42 -30.03 -22.21
C SER C 118 -19.33 -28.98 -21.60
N TYR C 119 -18.77 -28.18 -20.69
CA TYR C 119 -19.55 -27.15 -20.03
C TYR C 119 -19.91 -25.99 -20.96
N PHE C 120 -19.02 -25.62 -21.87
CA PHE C 120 -19.34 -24.54 -22.78
C PHE C 120 -20.53 -24.94 -23.66
N THR C 121 -20.45 -26.11 -24.30
CA THR C 121 -21.59 -26.55 -25.13
C THR C 121 -22.84 -26.51 -24.27
N PHE C 122 -22.72 -26.91 -23.00
CA PHE C 122 -23.86 -26.86 -22.11
C PHE C 122 -24.37 -25.42 -22.06
N ILE C 123 -23.50 -24.48 -21.71
CA ILE C 123 -23.92 -23.08 -21.65
C ILE C 123 -24.51 -22.67 -23.00
N GLY C 124 -24.08 -23.36 -24.06
CA GLY C 124 -24.59 -23.08 -25.39
C GLY C 124 -25.97 -23.69 -25.56
N ARG C 125 -26.10 -24.95 -25.13
CA ARG C 125 -27.36 -25.67 -25.18
C ARG C 125 -28.39 -24.73 -24.55
N VAL C 126 -28.15 -24.35 -23.29
CA VAL C 126 -29.03 -23.43 -22.56
C VAL C 126 -29.20 -22.10 -23.30
N ALA C 127 -28.10 -21.37 -23.45
CA ALA C 127 -28.08 -20.08 -24.13
C ALA C 127 -29.10 -20.01 -25.27
N GLY C 128 -28.94 -20.89 -26.27
CA GLY C 128 -29.87 -20.93 -27.39
C GLY C 128 -31.28 -21.34 -26.95
N LEU C 129 -31.33 -22.40 -26.15
CA LEU C 129 -32.59 -22.89 -25.61
C LEU C 129 -33.47 -21.74 -25.12
N ALA C 130 -32.84 -20.74 -24.51
CA ALA C 130 -33.55 -19.57 -24.01
C ALA C 130 -34.08 -18.70 -25.15
N VAL C 131 -33.34 -18.61 -26.25
CA VAL C 131 -33.75 -17.82 -27.41
C VAL C 131 -34.96 -18.47 -28.07
N PHE C 132 -34.90 -19.80 -28.17
CA PHE C 132 -35.98 -20.60 -28.76
C PHE C 132 -37.26 -20.32 -27.99
N HIS C 133 -37.17 -20.33 -26.66
CA HIS C 133 -38.33 -20.09 -25.81
C HIS C 133 -38.55 -18.64 -25.40
N GLY C 134 -38.02 -17.70 -26.17
CA GLY C 134 -38.22 -16.30 -25.86
C GLY C 134 -37.94 -15.84 -24.43
N LYS C 135 -36.85 -16.34 -23.86
CA LYS C 135 -36.46 -15.96 -22.51
C LYS C 135 -35.14 -15.21 -22.62
N LEU C 136 -34.60 -14.74 -21.49
CA LEU C 136 -33.37 -13.99 -21.53
C LEU C 136 -32.32 -14.48 -20.56
N LEU C 137 -31.06 -14.38 -20.97
CA LEU C 137 -29.94 -14.77 -20.13
C LEU C 137 -29.55 -13.52 -19.35
N ASP C 138 -28.90 -13.70 -18.20
CA ASP C 138 -28.50 -12.57 -17.37
C ASP C 138 -26.99 -12.27 -17.55
N GLY C 139 -26.68 -11.01 -17.82
CA GLY C 139 -25.30 -10.61 -18.03
C GLY C 139 -25.09 -10.31 -19.50
N PHE C 140 -24.01 -9.62 -19.84
CA PHE C 140 -23.75 -9.29 -21.23
C PHE C 140 -22.30 -9.56 -21.57
N PHE C 141 -22.01 -9.65 -22.85
CA PHE C 141 -20.67 -9.95 -23.32
C PHE C 141 -20.04 -8.82 -24.11
N ILE C 142 -18.74 -8.89 -24.33
CA ILE C 142 -18.08 -7.88 -25.13
C ILE C 142 -18.56 -8.10 -26.57
N ARG C 143 -18.70 -7.02 -27.34
CA ARG C 143 -19.17 -7.15 -28.71
C ARG C 143 -18.58 -8.35 -29.47
N PRO C 144 -17.25 -8.52 -29.45
CA PRO C 144 -16.62 -9.64 -30.15
C PRO C 144 -17.36 -10.98 -29.99
N PHE C 145 -17.86 -11.27 -28.80
CA PHE C 145 -18.56 -12.53 -28.57
C PHE C 145 -19.72 -12.66 -29.59
N TYR C 146 -20.62 -11.69 -29.58
CA TYR C 146 -21.76 -11.70 -30.48
C TYR C 146 -21.24 -11.80 -31.91
N LYS C 147 -20.27 -10.95 -32.23
CA LYS C 147 -19.71 -10.96 -33.57
C LYS C 147 -19.17 -12.31 -33.99
N MET C 148 -18.69 -13.09 -33.04
CA MET C 148 -18.16 -14.41 -33.37
C MET C 148 -19.29 -15.35 -33.78
N MET C 149 -20.45 -15.22 -33.13
CA MET C 149 -21.60 -16.06 -33.45
C MET C 149 -22.07 -15.73 -34.86
N LEU C 150 -22.27 -14.43 -35.10
CA LEU C 150 -22.71 -13.93 -36.39
C LEU C 150 -21.77 -14.30 -37.52
N GLY C 151 -20.56 -14.73 -37.19
CA GLY C 151 -19.60 -15.08 -38.23
C GLY C 151 -18.92 -13.83 -38.79
N LYS C 152 -18.81 -12.82 -37.95
CA LYS C 152 -18.15 -11.61 -38.35
C LYS C 152 -16.69 -11.72 -37.98
N GLN C 153 -15.88 -10.89 -38.61
CA GLN C 153 -14.44 -10.89 -38.37
C GLN C 153 -14.24 -9.87 -37.26
N ILE C 154 -13.27 -10.11 -36.38
CA ILE C 154 -12.98 -9.19 -35.27
C ILE C 154 -11.90 -8.27 -35.79
N THR C 155 -11.91 -7.01 -35.36
CA THR C 155 -10.92 -6.03 -35.81
C THR C 155 -10.60 -4.94 -34.81
N LEU C 156 -9.68 -4.07 -35.19
CA LEU C 156 -9.28 -2.98 -34.30
C LEU C 156 -10.45 -2.19 -33.81
N ASN C 157 -11.43 -1.99 -34.68
CA ASN C 157 -12.60 -1.22 -34.32
C ASN C 157 -13.40 -1.78 -33.18
N ASP C 158 -13.42 -3.11 -33.08
CA ASP C 158 -14.18 -3.81 -32.05
C ASP C 158 -13.70 -3.65 -30.62
N MET C 159 -12.49 -3.14 -30.45
CA MET C 159 -11.97 -2.95 -29.12
C MET C 159 -12.01 -1.48 -28.77
N GLU C 160 -13.21 -0.93 -28.72
CA GLU C 160 -13.39 0.48 -28.39
C GLU C 160 -14.53 0.47 -27.41
N SER C 161 -15.31 -0.60 -27.47
CA SER C 161 -16.45 -0.80 -26.58
C SER C 161 -15.90 -1.51 -25.36
N VAL C 162 -14.80 -2.23 -25.56
CA VAL C 162 -14.17 -2.97 -24.49
C VAL C 162 -13.14 -2.14 -23.70
N ASP C 163 -12.29 -1.39 -24.40
CA ASP C 163 -11.27 -0.55 -23.76
C ASP C 163 -10.87 0.61 -24.67
N SER C 164 -11.55 1.75 -24.48
CA SER C 164 -11.31 2.95 -25.27
C SER C 164 -9.87 3.40 -25.31
N GLU C 165 -9.30 3.63 -24.14
CA GLU C 165 -7.93 4.13 -24.04
C GLU C 165 -6.92 3.23 -24.70
N TYR C 166 -7.25 1.95 -24.81
CA TYR C 166 -6.37 1.01 -25.43
C TYR C 166 -6.60 1.15 -26.92
N TYR C 167 -7.88 1.21 -27.31
CA TYR C 167 -8.24 1.38 -28.71
C TYR C 167 -7.45 2.54 -29.30
N ASN C 168 -7.66 3.73 -28.74
CA ASN C 168 -6.98 4.92 -29.19
C ASN C 168 -5.48 4.73 -29.31
N SER C 169 -4.85 4.18 -28.28
CA SER C 169 -3.41 3.98 -28.34
C SER C 169 -2.99 3.08 -29.49
N LEU C 170 -3.81 2.08 -29.80
CA LEU C 170 -3.49 1.20 -30.90
C LEU C 170 -3.70 1.92 -32.21
N LYS C 171 -4.77 2.70 -32.27
CA LYS C 171 -5.15 3.48 -33.45
C LYS C 171 -4.09 4.51 -33.75
N TRP C 172 -3.34 4.93 -32.71
CA TRP C 172 -2.27 5.90 -32.88
C TRP C 172 -1.14 5.16 -33.58
N ILE C 173 -0.79 3.99 -33.05
CA ILE C 173 0.25 3.15 -33.64
C ILE C 173 -0.07 2.99 -35.12
N LEU C 174 -1.35 2.90 -35.43
CA LEU C 174 -1.82 2.70 -36.79
C LEU C 174 -1.65 3.90 -37.72
N GLU C 175 -1.77 5.10 -37.18
CA GLU C 175 -1.67 6.30 -38.00
C GLU C 175 -0.41 7.13 -37.82
N ASN C 176 0.60 6.57 -37.17
CA ASN C 176 1.88 7.26 -36.93
C ASN C 176 3.05 6.30 -37.07
N ASP C 177 4.25 6.82 -36.83
CA ASP C 177 5.45 5.98 -36.89
C ASP C 177 5.70 5.57 -35.44
N PRO C 178 5.78 4.26 -35.17
CA PRO C 178 6.02 3.77 -33.81
C PRO C 178 7.46 3.43 -33.41
N THR C 179 8.42 3.73 -34.27
CA THR C 179 9.80 3.40 -33.96
C THR C 179 10.34 4.00 -32.67
N GLU C 180 9.87 5.19 -32.30
CA GLU C 180 10.35 5.85 -31.10
C GLU C 180 9.80 5.29 -29.77
N LEU C 181 8.60 4.69 -29.82
CA LEU C 181 7.92 4.08 -28.65
C LEU C 181 8.58 2.78 -28.21
N ASP C 182 9.59 2.39 -28.99
CA ASP C 182 10.39 1.19 -28.80
C ASP C 182 9.68 -0.06 -28.28
N LEU C 183 8.67 -0.45 -29.03
CA LEU C 183 7.85 -1.60 -28.72
C LEU C 183 8.49 -2.89 -29.22
N MET C 184 8.03 -4.01 -28.71
CA MET C 184 8.55 -5.28 -29.14
C MET C 184 7.32 -6.15 -29.38
N PHE C 185 7.48 -7.20 -30.17
CA PHE C 185 6.39 -8.08 -30.48
C PHE C 185 6.04 -8.99 -29.33
N CYS C 186 5.64 -8.41 -28.22
CA CYS C 186 5.26 -9.20 -27.04
C CYS C 186 4.36 -8.38 -26.10
N ILE C 187 3.85 -9.03 -25.07
CA ILE C 187 2.97 -8.35 -24.11
C ILE C 187 3.46 -8.65 -22.71
N ASP C 188 2.71 -8.20 -21.71
CA ASP C 188 3.07 -8.45 -20.32
C ASP C 188 1.89 -9.01 -19.55
N GLU C 189 2.13 -10.07 -18.80
CA GLU C 189 1.09 -10.71 -18.01
C GLU C 189 1.46 -10.69 -16.52
N GLU C 190 0.45 -10.86 -15.67
CA GLU C 190 0.67 -10.87 -14.23
C GLU C 190 -0.09 -12.01 -13.58
N ASN C 191 0.54 -12.56 -12.55
CA ASN C 191 -0.04 -13.63 -11.76
C ASN C 191 0.88 -13.77 -10.57
N PHE C 192 0.28 -13.76 -9.39
CA PHE C 192 1.05 -13.89 -8.15
C PHE C 192 2.07 -12.76 -8.03
N GLY C 193 1.67 -11.54 -8.37
CA GLY C 193 2.56 -10.39 -8.27
C GLY C 193 3.77 -10.43 -9.20
N GLN C 194 3.83 -11.45 -10.04
CA GLN C 194 4.94 -11.57 -10.98
C GLN C 194 4.52 -11.21 -12.39
N THR C 195 5.28 -10.29 -12.98
CA THR C 195 5.05 -9.82 -14.33
C THR C 195 5.89 -10.67 -15.32
N TYR C 196 5.21 -11.47 -16.15
CA TYR C 196 5.90 -12.32 -17.12
C TYR C 196 5.52 -11.95 -18.55
N GLN C 197 6.55 -11.75 -19.38
CA GLN C 197 6.48 -11.34 -20.79
C GLN C 197 6.18 -12.44 -21.82
N VAL C 198 5.13 -12.26 -22.64
CA VAL C 198 4.77 -13.26 -23.64
C VAL C 198 4.87 -12.75 -25.10
N ASP C 199 5.44 -13.57 -25.97
CA ASP C 199 5.66 -13.23 -27.38
C ASP C 199 4.38 -13.31 -28.24
N LEU C 200 4.22 -12.36 -29.15
CA LEU C 200 3.05 -12.33 -30.02
C LEU C 200 3.27 -13.31 -31.17
N LYS C 201 4.53 -13.41 -31.58
CA LYS C 201 4.89 -14.32 -32.62
C LYS C 201 6.26 -14.83 -32.19
N PRO C 202 6.78 -15.86 -32.87
CA PRO C 202 8.07 -16.45 -32.56
C PRO C 202 9.18 -15.39 -32.44
N ASN C 203 9.88 -15.39 -31.32
CA ASN C 203 10.98 -14.44 -31.09
C ASN C 203 10.54 -12.99 -31.09
N GLY C 204 9.26 -12.73 -30.86
CA GLY C 204 8.76 -11.37 -30.84
C GLY C 204 9.45 -10.53 -29.79
N SER C 205 9.79 -11.17 -28.68
CA SER C 205 10.46 -10.50 -27.56
C SER C 205 11.71 -9.75 -28.04
N GLU C 206 12.23 -10.19 -29.19
CA GLU C 206 13.43 -9.60 -29.75
C GLU C 206 13.22 -8.75 -30.98
N ILE C 207 11.98 -8.58 -31.42
CA ILE C 207 11.71 -7.83 -32.62
C ILE C 207 11.00 -6.50 -32.38
N MET C 208 11.47 -5.47 -33.07
CA MET C 208 10.91 -4.13 -32.92
C MET C 208 9.71 -3.87 -33.82
N VAL C 209 8.79 -3.05 -33.33
CA VAL C 209 7.64 -2.68 -34.13
C VAL C 209 8.14 -1.52 -34.98
N THR C 210 8.53 -1.83 -36.22
CA THR C 210 9.03 -0.83 -37.14
C THR C 210 7.83 -0.14 -37.75
N ASN C 211 8.04 0.52 -38.88
CA ASN C 211 6.94 1.18 -39.54
C ASN C 211 6.52 0.32 -40.72
N GLU C 212 7.11 -0.87 -40.82
CA GLU C 212 6.79 -1.78 -41.91
C GLU C 212 5.93 -2.93 -41.42
N ASN C 213 5.96 -3.18 -40.11
CA ASN C 213 5.16 -4.25 -39.58
C ASN C 213 4.13 -3.75 -38.60
N LYS C 214 4.09 -2.44 -38.39
CA LYS C 214 3.12 -1.93 -37.42
C LYS C 214 1.71 -2.42 -37.67
N ARG C 215 1.36 -2.76 -38.90
CA ARG C 215 0.00 -3.26 -39.15
C ARG C 215 -0.03 -4.65 -38.53
N GLU C 216 0.78 -5.54 -39.08
CA GLU C 216 0.84 -6.92 -38.60
C GLU C 216 0.91 -7.05 -37.08
N TYR C 217 1.34 -5.98 -36.40
CA TYR C 217 1.44 -5.99 -34.95
C TYR C 217 0.08 -5.74 -34.32
N ILE C 218 -0.59 -4.70 -34.80
CA ILE C 218 -1.91 -4.37 -34.28
C ILE C 218 -2.81 -5.58 -34.53
N ASP C 219 -2.38 -6.44 -35.45
CA ASP C 219 -3.15 -7.64 -35.79
C ASP C 219 -3.01 -8.67 -34.71
N LEU C 220 -1.78 -9.01 -34.39
CA LEU C 220 -1.52 -9.99 -33.36
C LEU C 220 -2.08 -9.54 -32.02
N VAL C 221 -1.93 -8.27 -31.68
CA VAL C 221 -2.45 -7.78 -30.42
C VAL C 221 -3.94 -8.02 -30.31
N ILE C 222 -4.68 -7.74 -31.38
CA ILE C 222 -6.13 -7.96 -31.34
C ILE C 222 -6.46 -9.44 -31.41
N GLN C 223 -5.75 -10.13 -32.29
CA GLN C 223 -5.90 -11.56 -32.44
C GLN C 223 -5.82 -12.21 -31.06
N TRP C 224 -4.79 -11.85 -30.31
CA TRP C 224 -4.55 -12.38 -28.97
C TRP C 224 -5.53 -11.90 -27.92
N ARG C 225 -5.89 -10.63 -27.97
CA ARG C 225 -6.81 -10.10 -26.99
C ARG C 225 -8.20 -10.72 -27.00
N PHE C 226 -8.74 -11.04 -28.18
CA PHE C 226 -10.10 -11.59 -28.26
C PHE C 226 -10.28 -12.86 -29.08
N VAL C 227 -9.22 -13.46 -29.62
CA VAL C 227 -9.46 -14.64 -30.45
C VAL C 227 -8.65 -15.92 -30.27
N ASN C 228 -7.32 -15.81 -30.25
CA ASN C 228 -6.44 -16.97 -30.12
C ASN C 228 -6.74 -17.95 -28.99
N ARG C 229 -6.83 -17.40 -27.79
CA ARG C 229 -7.02 -18.19 -26.60
C ARG C 229 -8.44 -18.62 -26.21
N VAL C 230 -9.35 -18.66 -27.18
CA VAL C 230 -10.73 -19.06 -26.89
C VAL C 230 -11.49 -19.72 -28.03
N GLN C 231 -10.85 -19.97 -29.17
CA GLN C 231 -11.60 -20.58 -30.25
C GLN C 231 -12.15 -21.97 -29.92
N LYS C 232 -11.40 -22.77 -29.20
CA LYS C 232 -11.86 -24.11 -28.84
C LYS C 232 -13.17 -23.95 -28.06
N GLN C 233 -13.15 -23.07 -27.05
CA GLN C 233 -14.32 -22.78 -26.21
C GLN C 233 -15.47 -22.21 -27.02
N MET C 234 -15.24 -21.03 -27.58
CA MET C 234 -16.26 -20.36 -28.37
C MET C 234 -16.91 -21.33 -29.37
N ASN C 235 -16.16 -22.33 -29.83
CA ASN C 235 -16.71 -23.30 -30.78
C ASN C 235 -17.62 -24.32 -30.11
N ALA C 236 -17.28 -24.69 -28.89
CA ALA C 236 -18.09 -25.63 -28.14
C ALA C 236 -19.42 -24.92 -27.89
N PHE C 237 -19.33 -23.68 -27.42
CA PHE C 237 -20.51 -22.88 -27.13
C PHE C 237 -21.45 -22.88 -28.31
N LEU C 238 -20.90 -22.92 -29.52
CA LEU C 238 -21.71 -22.92 -30.73
C LEU C 238 -22.25 -24.30 -31.02
N GLU C 239 -21.42 -25.33 -30.84
CA GLU C 239 -21.89 -26.68 -31.07
C GLU C 239 -23.24 -26.82 -30.36
N GLY C 240 -23.28 -26.39 -29.10
CA GLY C 240 -24.51 -26.45 -28.33
C GLY C 240 -25.57 -25.45 -28.74
N PHE C 241 -25.21 -24.19 -28.91
CA PHE C 241 -26.18 -23.16 -29.30
C PHE C 241 -26.99 -23.57 -30.52
N THR C 242 -26.34 -24.25 -31.47
CA THR C 242 -27.00 -24.67 -32.70
C THR C 242 -27.65 -26.05 -32.63
N GLU C 243 -27.71 -26.64 -31.44
CA GLU C 243 -28.33 -27.95 -31.30
C GLU C 243 -29.78 -27.67 -31.01
N LEU C 244 -30.11 -26.41 -31.15
CA LEU C 244 -31.43 -26.00 -30.85
C LEU C 244 -31.86 -25.08 -31.92
N LEU C 245 -30.92 -24.28 -32.40
CA LEU C 245 -31.23 -23.35 -33.47
C LEU C 245 -30.23 -23.42 -34.60
N PRO C 246 -30.66 -23.08 -35.83
CA PRO C 246 -29.80 -23.08 -37.02
C PRO C 246 -28.96 -21.78 -37.04
N ILE C 247 -27.67 -21.91 -36.74
CA ILE C 247 -26.78 -20.74 -36.68
C ILE C 247 -26.95 -19.66 -37.73
N ASP C 248 -27.29 -20.03 -38.96
CA ASP C 248 -27.45 -19.03 -40.00
C ASP C 248 -28.83 -18.35 -39.99
N LEU C 249 -29.77 -18.95 -39.28
CA LEU C 249 -31.11 -18.39 -39.18
C LEU C 249 -31.05 -17.17 -38.27
N ILE C 250 -29.87 -16.90 -37.73
CA ILE C 250 -29.69 -15.79 -36.80
C ILE C 250 -28.85 -14.65 -37.39
N LYS C 251 -28.08 -14.96 -38.42
CA LYS C 251 -27.24 -13.95 -39.05
C LYS C 251 -28.08 -12.77 -39.56
N ILE C 252 -29.40 -12.91 -39.51
CA ILE C 252 -30.32 -11.87 -39.95
C ILE C 252 -30.34 -10.68 -38.98
N PHE C 253 -29.86 -10.91 -37.77
CA PHE C 253 -29.79 -9.89 -36.74
C PHE C 253 -28.38 -9.33 -36.71
N ASP C 254 -28.19 -8.19 -36.07
CA ASP C 254 -26.86 -7.58 -35.98
C ASP C 254 -26.29 -7.58 -34.54
N GLU C 255 -25.01 -7.26 -34.43
CA GLU C 255 -24.34 -7.22 -33.12
C GLU C 255 -25.25 -6.74 -31.99
N ASN C 256 -25.83 -5.55 -32.12
CA ASN C 256 -26.70 -5.03 -31.08
C ASN C 256 -28.03 -5.74 -31.00
N GLU C 257 -28.60 -6.11 -32.15
CA GLU C 257 -29.88 -6.82 -32.16
C GLU C 257 -29.75 -8.18 -31.46
N LEU C 258 -28.76 -8.97 -31.87
CA LEU C 258 -28.54 -10.30 -31.29
C LEU C 258 -28.39 -10.17 -29.78
N GLU C 259 -27.73 -9.10 -29.36
CA GLU C 259 -27.52 -8.84 -27.95
C GLU C 259 -28.85 -8.68 -27.24
N LEU C 260 -29.68 -7.79 -27.79
CA LEU C 260 -30.99 -7.53 -27.22
C LEU C 260 -31.88 -8.76 -27.37
N LEU C 261 -31.53 -9.63 -28.31
CA LEU C 261 -32.33 -10.83 -28.55
C LEU C 261 -32.17 -11.92 -27.51
N MET C 262 -30.99 -12.01 -26.88
CA MET C 262 -30.78 -13.06 -25.89
C MET C 262 -30.40 -12.55 -24.52
N CYS C 263 -29.96 -11.30 -24.45
CA CYS C 263 -29.58 -10.72 -23.18
C CYS C 263 -30.44 -9.50 -22.88
N GLY C 264 -31.53 -9.34 -23.62
CA GLY C 264 -32.43 -8.20 -23.42
C GLY C 264 -31.77 -6.85 -23.28
N LEU C 265 -32.50 -5.90 -22.72
CA LEU C 265 -31.99 -4.57 -22.47
C LEU C 265 -31.49 -4.65 -21.04
N GLY C 266 -30.67 -3.71 -20.62
CA GLY C 266 -30.20 -3.79 -19.26
C GLY C 266 -30.95 -2.85 -18.36
N ASP C 267 -32.25 -3.06 -18.17
CA ASP C 267 -32.99 -2.14 -17.31
C ASP C 267 -32.39 -2.21 -15.91
N VAL C 268 -31.96 -1.06 -15.44
CA VAL C 268 -31.34 -0.89 -14.14
C VAL C 268 -32.37 -0.92 -13.05
N ASP C 269 -32.15 -1.76 -12.04
CA ASP C 269 -33.05 -1.85 -10.89
C ASP C 269 -32.88 -0.54 -10.09
N VAL C 270 -33.84 0.37 -10.26
CA VAL C 270 -33.82 1.68 -9.62
C VAL C 270 -33.74 1.70 -8.10
N ASN C 271 -34.27 0.68 -7.46
CA ASN C 271 -34.23 0.63 -6.00
C ASN C 271 -32.86 0.29 -5.46
N ASP C 272 -32.35 -0.86 -5.88
CA ASP C 272 -31.02 -1.33 -5.48
C ASP C 272 -30.03 -0.19 -5.70
N TRP C 273 -30.35 0.66 -6.68
CA TRP C 273 -29.55 1.82 -7.04
C TRP C 273 -29.63 2.88 -5.96
N ARG C 274 -30.81 3.45 -5.80
CA ARG C 274 -30.99 4.49 -4.80
C ARG C 274 -30.36 4.11 -3.48
N GLN C 275 -30.60 2.86 -3.09
CA GLN C 275 -30.12 2.34 -1.82
C GLN C 275 -28.62 2.20 -1.64
N HIS C 276 -27.87 2.05 -2.72
CA HIS C 276 -26.43 1.93 -2.57
C HIS C 276 -25.70 3.10 -3.13
N SER C 277 -26.26 4.28 -2.90
CA SER C 277 -25.68 5.52 -3.37
C SER C 277 -25.20 6.34 -2.20
N ILE C 278 -24.16 7.13 -2.42
CA ILE C 278 -23.65 7.96 -1.35
C ILE C 278 -23.66 9.40 -1.81
N TYR C 279 -23.90 10.31 -0.86
CA TYR C 279 -23.98 11.71 -1.18
C TYR C 279 -22.84 12.49 -0.52
N LYS C 280 -22.30 13.49 -1.21
CA LYS C 280 -21.21 14.27 -0.65
C LYS C 280 -21.33 15.76 -0.89
N ASN C 281 -20.65 16.53 -0.04
CA ASN C 281 -20.66 17.97 -0.12
C ASN C 281 -22.08 18.55 -0.09
N GLY C 282 -22.76 18.38 1.03
CA GLY C 282 -24.10 18.93 1.14
C GLY C 282 -25.27 17.99 0.97
N TYR C 283 -25.33 17.27 -0.14
CA TYR C 283 -26.46 16.38 -0.36
C TYR C 283 -26.58 15.23 0.63
N CYS C 284 -27.80 14.71 0.76
CA CYS C 284 -28.11 13.60 1.65
C CYS C 284 -29.42 12.94 1.21
N PRO C 285 -29.72 11.75 1.72
CA PRO C 285 -30.94 11.03 1.35
C PRO C 285 -32.21 11.81 1.19
N ASN C 286 -32.59 12.57 2.21
CA ASN C 286 -33.85 13.31 2.16
C ASN C 286 -33.78 14.75 1.68
N HIS C 287 -32.67 15.13 1.08
CA HIS C 287 -32.51 16.49 0.58
C HIS C 287 -33.43 16.71 -0.62
N PRO C 288 -33.95 17.94 -0.78
CA PRO C 288 -34.84 18.30 -1.88
C PRO C 288 -34.35 17.94 -3.28
N VAL C 289 -33.13 18.35 -3.61
CA VAL C 289 -32.59 18.05 -4.92
C VAL C 289 -32.53 16.54 -5.12
N ILE C 290 -32.02 15.85 -4.11
CA ILE C 290 -31.91 14.40 -4.16
C ILE C 290 -33.27 13.75 -4.31
N GLN C 291 -34.25 14.26 -3.58
CA GLN C 291 -35.58 13.69 -3.65
C GLN C 291 -36.12 13.72 -5.06
N TRP C 292 -35.79 14.79 -5.77
CA TRP C 292 -36.22 14.97 -7.15
C TRP C 292 -35.46 14.07 -8.09
N PHE C 293 -34.14 14.05 -7.94
CA PHE C 293 -33.31 13.22 -8.79
C PHE C 293 -34.01 11.88 -9.04
N TRP C 294 -34.20 11.13 -7.97
CA TRP C 294 -34.81 9.82 -8.07
C TRP C 294 -36.22 9.82 -8.66
N LYS C 295 -37.00 10.85 -8.39
CA LYS C 295 -38.34 10.90 -8.97
C LYS C 295 -38.18 11.14 -10.47
N ALA C 296 -37.04 11.71 -10.85
CA ALA C 296 -36.75 11.97 -12.25
C ALA C 296 -36.37 10.64 -12.88
N VAL C 297 -35.66 9.83 -12.12
CA VAL C 297 -35.23 8.52 -12.58
C VAL C 297 -36.44 7.64 -12.72
N LEU C 298 -37.34 7.77 -11.77
CA LEU C 298 -38.55 7.00 -11.79
C LEU C 298 -39.28 7.15 -13.07
N LEU C 299 -39.20 8.36 -13.59
CA LEU C 299 -39.89 8.67 -14.82
C LEU C 299 -39.17 8.14 -16.04
N MET C 300 -37.85 8.29 -16.10
CA MET C 300 -37.11 7.82 -17.26
C MET C 300 -37.48 6.37 -17.59
N ASP C 301 -37.26 5.97 -18.83
CA ASP C 301 -37.56 4.61 -19.25
C ASP C 301 -36.23 3.86 -19.35
N ALA C 302 -36.33 2.54 -19.55
CA ALA C 302 -35.15 1.70 -19.65
C ALA C 302 -33.96 2.39 -20.30
N GLU C 303 -34.11 2.84 -21.54
CA GLU C 303 -32.97 3.48 -22.19
C GLU C 303 -32.38 4.61 -21.34
N LYS C 304 -33.12 5.71 -21.22
CA LYS C 304 -32.63 6.87 -20.46
C LYS C 304 -31.99 6.52 -19.13
N ARG C 305 -32.45 5.46 -18.49
CA ARG C 305 -31.84 5.08 -17.23
C ARG C 305 -30.44 4.52 -17.48
N ILE C 306 -30.34 3.51 -18.34
CA ILE C 306 -29.05 2.90 -18.65
C ILE C 306 -28.05 3.96 -19.09
N ARG C 307 -28.52 4.92 -19.89
CA ARG C 307 -27.67 6.02 -20.34
C ARG C 307 -27.16 6.80 -19.12
N LEU C 308 -28.09 7.27 -18.29
CA LEU C 308 -27.74 8.01 -17.08
C LEU C 308 -26.62 7.26 -16.33
N LEU C 309 -26.74 5.94 -16.25
CA LEU C 309 -25.74 5.12 -15.57
C LEU C 309 -24.43 5.13 -16.33
N GLN C 310 -24.52 5.14 -17.65
CA GLN C 310 -23.35 5.14 -18.50
C GLN C 310 -22.63 6.46 -18.47
N PHE C 311 -23.40 7.53 -18.35
CA PHE C 311 -22.82 8.86 -18.30
C PHE C 311 -22.04 9.09 -17.02
N VAL C 312 -22.56 8.56 -15.92
CA VAL C 312 -21.92 8.72 -14.61
C VAL C 312 -20.86 7.68 -14.26
N THR C 313 -21.06 6.42 -14.64
CA THR C 313 -20.09 5.35 -14.33
C THR C 313 -19.20 4.92 -15.50
N GLY C 314 -19.61 5.26 -16.72
CA GLY C 314 -18.82 4.90 -17.89
C GLY C 314 -19.09 3.51 -18.43
N THR C 315 -20.14 2.88 -17.90
CA THR C 315 -20.54 1.54 -18.30
C THR C 315 -22.06 1.47 -18.22
N SER C 316 -22.71 0.94 -19.23
CA SER C 316 -24.16 0.85 -19.17
C SER C 316 -24.58 -0.40 -18.40
N ARG C 317 -23.62 -1.20 -17.98
CA ARG C 317 -23.96 -2.43 -17.26
C ARG C 317 -23.87 -2.29 -15.75
N VAL C 318 -24.17 -3.39 -15.05
CA VAL C 318 -24.14 -3.44 -13.60
C VAL C 318 -23.64 -4.80 -13.13
N PRO C 319 -22.82 -4.84 -12.06
CA PRO C 319 -22.28 -6.09 -11.52
C PRO C 319 -23.37 -7.11 -11.27
N MET C 320 -22.94 -8.35 -11.05
CA MET C 320 -23.85 -9.44 -10.79
C MET C 320 -24.61 -9.31 -9.48
N ASN C 321 -23.95 -8.77 -8.46
CA ASN C 321 -24.56 -8.61 -7.15
C ASN C 321 -25.04 -7.19 -6.92
N GLY C 322 -25.42 -6.53 -7.99
CA GLY C 322 -25.95 -5.18 -7.90
C GLY C 322 -25.05 -4.04 -7.58
N PHE C 323 -25.67 -2.89 -7.36
CA PHE C 323 -25.02 -1.64 -7.05
C PHE C 323 -24.18 -1.59 -5.79
N ALA C 324 -24.24 -2.65 -5.00
CA ALA C 324 -23.43 -2.68 -3.80
C ALA C 324 -22.00 -3.03 -4.22
N GLU C 325 -21.87 -3.78 -5.31
CA GLU C 325 -20.57 -4.21 -5.82
C GLU C 325 -20.05 -3.43 -7.03
N LEU C 326 -20.29 -2.12 -7.04
CA LEU C 326 -19.83 -1.27 -8.13
C LEU C 326 -18.35 -0.96 -8.00
N TYR C 327 -17.67 -0.80 -9.13
CA TYR C 327 -16.25 -0.51 -9.12
C TYR C 327 -15.86 0.75 -9.85
N GLY C 328 -14.71 1.30 -9.47
CA GLY C 328 -14.18 2.48 -10.12
C GLY C 328 -12.77 2.15 -10.55
N SER C 329 -12.02 3.16 -11.00
CA SER C 329 -10.65 2.95 -11.43
C SER C 329 -9.82 2.25 -10.36
N ASN C 330 -9.92 2.74 -9.12
CA ASN C 330 -9.14 2.18 -8.03
C ASN C 330 -9.81 1.14 -7.18
N GLY C 331 -10.97 0.66 -7.61
CA GLY C 331 -11.62 -0.36 -6.81
C GLY C 331 -13.05 -0.07 -6.51
N PRO C 332 -13.60 -0.73 -5.48
CA PRO C 332 -14.98 -0.57 -5.05
C PRO C 332 -15.31 0.89 -4.88
N GLN C 333 -16.37 1.32 -5.57
CA GLN C 333 -16.82 2.70 -5.52
C GLN C 333 -18.32 2.80 -5.85
N LEU C 334 -19.14 2.98 -4.81
CA LEU C 334 -20.59 3.11 -4.95
C LEU C 334 -20.98 4.33 -5.77
N PHE C 335 -22.15 4.28 -6.38
CA PHE C 335 -22.65 5.41 -7.16
C PHE C 335 -22.58 6.60 -6.21
N THR C 336 -22.10 7.74 -6.70
CA THR C 336 -21.99 8.91 -5.85
C THR C 336 -22.69 10.11 -6.50
N ILE C 337 -23.18 11.02 -5.67
CA ILE C 337 -23.84 12.25 -6.14
C ILE C 337 -23.28 13.36 -5.27
N GLU C 338 -22.57 14.29 -5.88
CA GLU C 338 -21.98 15.38 -5.14
C GLU C 338 -22.51 16.72 -5.65
N GLN C 339 -22.74 17.64 -4.71
CA GLN C 339 -23.26 18.97 -5.07
C GLN C 339 -22.18 19.85 -5.65
N TRP C 340 -22.48 20.47 -6.78
CA TRP C 340 -21.49 21.31 -7.44
C TRP C 340 -22.11 22.29 -8.44
N GLY C 341 -21.52 23.48 -8.52
CA GLY C 341 -21.98 24.50 -9.46
C GLY C 341 -23.25 25.30 -9.20
N SER C 342 -23.55 26.18 -10.15
CA SER C 342 -24.74 27.04 -10.12
C SER C 342 -25.80 26.30 -10.95
N PRO C 343 -27.09 26.65 -10.80
CA PRO C 343 -28.19 26.02 -11.51
C PRO C 343 -28.12 26.16 -13.04
N GLU C 344 -27.27 27.09 -13.49
CA GLU C 344 -27.05 27.31 -14.92
C GLU C 344 -26.43 26.07 -15.58
N LYS C 345 -25.29 25.68 -15.04
CA LYS C 345 -24.50 24.55 -15.52
C LYS C 345 -25.22 23.20 -15.60
N LEU C 346 -24.83 22.40 -16.59
CA LEU C 346 -25.38 21.07 -16.77
C LEU C 346 -24.63 20.17 -15.80
N PRO C 347 -25.20 19.02 -15.46
CA PRO C 347 -24.54 18.09 -14.53
C PRO C 347 -23.30 17.45 -15.13
N ARG C 348 -22.28 17.28 -14.30
CA ARG C 348 -21.03 16.69 -14.74
C ARG C 348 -20.82 15.32 -14.10
N ALA C 349 -19.86 14.56 -14.61
CA ALA C 349 -19.56 13.23 -14.07
C ALA C 349 -18.11 12.82 -14.24
N HIS C 350 -17.62 11.99 -13.33
CA HIS C 350 -16.26 11.46 -13.37
C HIS C 350 -16.42 9.95 -13.37
N THR C 351 -16.44 9.33 -14.55
CA THR C 351 -16.61 7.88 -14.65
C THR C 351 -15.60 7.08 -13.81
N SER C 352 -14.58 7.74 -13.31
CA SER C 352 -13.56 7.07 -12.53
C SER C 352 -13.93 6.83 -11.07
N PHE C 353 -14.84 7.65 -10.55
CA PHE C 353 -15.27 7.54 -9.17
C PHE C 353 -16.79 7.37 -9.15
N ASN C 354 -17.33 7.02 -10.32
CA ASN C 354 -18.77 6.84 -10.50
C ASN C 354 -19.52 7.95 -9.79
N ARG C 355 -19.03 9.17 -9.96
CA ARG C 355 -19.62 10.36 -9.33
C ARG C 355 -20.41 11.25 -10.30
N LEU C 356 -21.32 12.04 -9.74
CA LEU C 356 -22.15 12.96 -10.52
C LEU C 356 -22.18 14.30 -9.80
N ASP C 357 -21.64 15.34 -10.44
CA ASP C 357 -21.66 16.69 -9.83
C ASP C 357 -23.00 17.29 -10.24
N LEU C 358 -23.93 17.37 -9.28
CA LEU C 358 -25.27 17.88 -9.54
C LEU C 358 -25.50 19.25 -8.93
N PRO C 359 -25.62 20.28 -9.79
CA PRO C 359 -25.84 21.64 -9.32
C PRO C 359 -27.18 21.71 -8.60
N PRO C 360 -27.23 22.42 -7.47
CA PRO C 360 -28.50 22.52 -6.72
C PRO C 360 -29.61 23.22 -7.51
N TYR C 361 -30.48 22.42 -8.11
CA TYR C 361 -31.58 22.98 -8.89
C TYR C 361 -32.70 23.47 -8.00
N GLU C 362 -33.39 24.49 -8.51
CA GLU C 362 -34.48 25.15 -7.82
C GLU C 362 -35.84 24.48 -7.96
N THR C 363 -36.08 23.87 -9.11
CA THR C 363 -37.38 23.22 -9.34
C THR C 363 -37.22 21.83 -9.92
N PHE C 364 -38.21 20.97 -9.70
CA PHE C 364 -38.16 19.61 -10.22
C PHE C 364 -37.94 19.56 -11.73
N GLU C 365 -38.82 20.22 -12.50
CA GLU C 365 -38.65 20.22 -13.95
C GLU C 365 -37.38 20.97 -14.30
N ASP C 366 -36.94 21.82 -13.39
CA ASP C 366 -35.71 22.56 -13.62
C ASP C 366 -34.59 21.51 -13.68
N LEU C 367 -34.60 20.58 -12.73
CA LEU C 367 -33.60 19.50 -12.68
C LEU C 367 -33.79 18.53 -13.84
N ARG C 368 -35.02 18.06 -14.01
CA ARG C 368 -35.34 17.12 -15.07
C ARG C 368 -34.89 17.56 -16.47
N GLU C 369 -34.99 18.85 -16.76
CA GLU C 369 -34.60 19.34 -18.09
C GLU C 369 -33.10 19.32 -18.30
N LYS C 370 -32.35 19.74 -17.29
CA LYS C 370 -30.90 19.78 -17.40
C LYS C 370 -30.29 18.37 -17.33
N LEU C 371 -30.97 17.47 -16.62
CA LEU C 371 -30.48 16.11 -16.49
C LEU C 371 -30.75 15.33 -17.75
N LEU C 372 -32.02 15.26 -18.13
CA LEU C 372 -32.40 14.54 -19.33
C LEU C 372 -31.58 15.02 -20.53
N MET C 373 -31.08 16.25 -20.45
CA MET C 373 -30.28 16.82 -21.53
C MET C 373 -28.88 16.27 -21.51
N ALA C 374 -28.23 16.32 -20.36
CA ALA C 374 -26.89 15.82 -20.22
C ALA C 374 -26.87 14.36 -20.67
N VAL C 375 -27.81 13.59 -20.15
CA VAL C 375 -27.93 12.17 -20.48
C VAL C 375 -27.98 11.82 -21.97
N GLU C 376 -28.89 12.47 -22.71
CA GLU C 376 -29.15 12.29 -24.16
C GLU C 376 -27.99 12.86 -24.96
N ASN C 377 -27.88 14.18 -24.92
CA ASN C 377 -26.84 14.90 -25.63
C ASN C 377 -25.47 14.64 -24.97
N ALA C 378 -25.12 13.36 -24.82
CA ALA C 378 -23.87 12.94 -24.17
C ALA C 378 -22.96 11.93 -24.86
N GLN C 379 -21.92 11.58 -24.10
CA GLN C 379 -20.89 10.62 -24.46
C GLN C 379 -19.85 11.15 -25.46
N GLY C 380 -19.62 12.45 -25.43
CA GLY C 380 -18.64 13.02 -26.36
C GLY C 380 -17.81 14.14 -25.76
N GLU D 6 16.76 -16.21 -6.08
CA GLU D 6 16.24 -17.58 -5.79
C GLU D 6 14.83 -17.50 -5.19
N PHE D 7 14.59 -16.52 -4.32
CA PHE D 7 13.30 -16.33 -3.68
C PHE D 7 12.18 -16.18 -4.71
N LYS D 8 12.48 -15.47 -5.79
CA LYS D 8 11.53 -15.26 -6.88
C LYS D 8 11.12 -16.62 -7.46
N GLN D 9 12.11 -17.49 -7.60
CA GLN D 9 11.88 -18.83 -8.11
C GLN D 9 10.96 -19.59 -7.16
N LYS D 10 11.38 -19.72 -5.90
CA LYS D 10 10.60 -20.43 -4.89
C LYS D 10 9.17 -19.94 -4.82
N TYR D 11 8.97 -18.64 -4.64
CA TYR D 11 7.62 -18.14 -4.54
C TYR D 11 6.69 -18.53 -5.68
N ASP D 12 7.23 -18.61 -6.90
CA ASP D 12 6.37 -19.00 -8.02
C ASP D 12 6.01 -20.48 -7.91
N TYR D 13 6.97 -21.31 -7.50
CA TYR D 13 6.71 -22.74 -7.33
C TYR D 13 5.61 -22.89 -6.28
N PHE D 14 5.92 -22.40 -5.08
CA PHE D 14 5.00 -22.41 -3.94
C PHE D 14 3.57 -22.09 -4.37
N ARG D 15 3.40 -21.00 -5.09
CA ARG D 15 2.06 -20.60 -5.51
C ARG D 15 1.36 -21.56 -6.45
N LYS D 16 2.09 -22.17 -7.37
CA LYS D 16 1.46 -23.11 -8.28
C LYS D 16 1.26 -24.41 -7.52
N LYS D 17 2.23 -24.76 -6.68
CA LYS D 17 2.19 -25.98 -5.89
C LYS D 17 0.96 -26.06 -4.99
N LEU D 18 0.51 -24.90 -4.50
CA LEU D 18 -0.68 -24.88 -3.66
C LEU D 18 -1.81 -25.34 -4.57
N LYS D 19 -2.73 -26.12 -4.01
CA LYS D 19 -3.87 -26.62 -4.76
C LYS D 19 -5.16 -26.27 -4.07
N LYS D 20 -6.15 -25.87 -4.88
CA LYS D 20 -7.45 -25.47 -4.37
C LYS D 20 -8.49 -26.52 -4.74
N PRO D 21 -9.10 -27.20 -3.74
CA PRO D 21 -10.11 -28.23 -4.01
C PRO D 21 -11.24 -27.74 -4.92
N ALA D 22 -12.08 -28.66 -5.41
CA ALA D 22 -13.18 -28.32 -6.32
C ALA D 22 -14.61 -28.29 -5.75
N ASP D 23 -14.88 -29.08 -4.71
CA ASP D 23 -16.21 -29.12 -4.09
C ASP D 23 -16.47 -27.89 -3.21
N ILE D 24 -15.62 -26.88 -3.35
CA ILE D 24 -15.76 -25.66 -2.58
C ILE D 24 -16.48 -24.62 -3.39
N PRO D 25 -17.25 -23.76 -2.72
CA PRO D 25 -18.02 -22.67 -3.34
C PRO D 25 -17.10 -21.83 -4.20
N ASN D 26 -17.67 -20.97 -5.03
CA ASN D 26 -16.85 -20.10 -5.90
C ASN D 26 -16.15 -19.01 -5.09
N ARG D 27 -16.72 -18.69 -3.94
CA ARG D 27 -16.17 -17.65 -3.08
C ARG D 27 -16.54 -17.89 -1.63
N PHE D 28 -15.81 -17.23 -0.73
CA PHE D 28 -16.08 -17.32 0.69
C PHE D 28 -16.56 -15.92 1.06
N GLU D 29 -17.84 -15.77 1.35
CA GLU D 29 -18.34 -14.45 1.68
C GLU D 29 -18.15 -14.08 3.14
N MET D 30 -17.94 -12.80 3.38
CA MET D 30 -17.77 -12.29 4.72
C MET D 30 -18.39 -10.94 4.81
N LYS D 31 -19.56 -10.86 5.42
CA LYS D 31 -20.20 -9.58 5.57
C LYS D 31 -19.93 -9.20 7.01
N LEU D 32 -19.32 -8.04 7.23
CA LEU D 32 -18.99 -7.63 8.58
C LEU D 32 -18.92 -6.12 8.83
N HIS D 33 -19.35 -5.70 10.03
CA HIS D 33 -19.34 -4.28 10.39
C HIS D 33 -17.92 -3.82 10.67
N ARG D 34 -17.55 -2.72 10.03
CA ARG D 34 -16.23 -2.12 10.16
C ARG D 34 -15.75 -1.99 11.61
N ASN D 35 -16.68 -1.77 12.53
CA ASN D 35 -16.29 -1.54 13.92
C ASN D 35 -16.38 -2.71 14.90
N ASN D 36 -16.47 -3.91 14.37
CA ASN D 36 -16.54 -5.10 15.22
C ASN D 36 -15.94 -6.21 14.39
N ILE D 37 -15.04 -5.81 13.51
CA ILE D 37 -14.37 -6.70 12.59
C ILE D 37 -13.68 -7.91 13.22
N PHE D 38 -13.11 -7.77 14.41
CA PHE D 38 -12.42 -8.89 15.04
C PHE D 38 -13.37 -10.00 15.41
N GLU D 39 -14.29 -9.70 16.32
CA GLU D 39 -15.25 -10.71 16.76
C GLU D 39 -16.10 -11.30 15.66
N GLU D 40 -16.43 -10.53 14.64
CA GLU D 40 -17.25 -11.07 13.57
C GLU D 40 -16.43 -11.99 12.68
N SER D 41 -15.20 -11.59 12.36
CA SER D 41 -14.32 -12.40 11.51
C SER D 41 -14.12 -13.70 12.25
N TYR D 42 -13.86 -13.57 13.55
CA TYR D 42 -13.66 -14.73 14.37
C TYR D 42 -14.84 -15.68 14.18
N ARG D 43 -16.03 -15.26 14.59
CA ARG D 43 -17.19 -16.09 14.44
C ARG D 43 -17.35 -16.70 13.06
N ARG D 44 -17.22 -15.92 12.00
CA ARG D 44 -17.38 -16.51 10.68
C ARG D 44 -16.36 -17.62 10.40
N ILE D 45 -15.09 -17.23 10.36
CA ILE D 45 -13.98 -18.15 10.08
C ILE D 45 -13.88 -19.36 10.98
N MET D 46 -14.15 -19.23 12.27
CA MET D 46 -14.03 -20.38 13.14
C MET D 46 -15.17 -21.36 12.96
N SER D 47 -16.39 -20.85 12.87
CA SER D 47 -17.57 -21.68 12.71
C SER D 47 -17.64 -22.46 11.38
N VAL D 48 -16.64 -22.33 10.52
CA VAL D 48 -16.67 -23.06 9.25
C VAL D 48 -16.73 -24.56 9.52
N LYS D 49 -17.55 -25.25 8.72
CA LYS D 49 -17.73 -26.70 8.82
C LYS D 49 -16.47 -27.36 8.25
N ARG D 50 -16.33 -27.28 6.93
CA ARG D 50 -15.17 -27.84 6.26
C ARG D 50 -14.17 -26.70 6.13
N PRO D 51 -12.97 -26.87 6.70
CA PRO D 51 -12.03 -25.76 6.58
C PRO D 51 -11.59 -25.40 5.15
N ASP D 52 -11.80 -26.30 4.19
CA ASP D 52 -11.38 -26.07 2.80
C ASP D 52 -12.13 -25.03 1.97
N VAL D 53 -13.34 -24.69 2.40
CA VAL D 53 -14.12 -23.69 1.69
C VAL D 53 -13.43 -22.35 1.88
N LEU D 54 -12.35 -22.35 2.65
CA LEU D 54 -11.58 -21.13 2.93
C LEU D 54 -10.58 -20.86 1.82
N LYS D 55 -10.20 -21.89 1.07
CA LYS D 55 -9.24 -21.70 0.00
C LYS D 55 -9.89 -21.02 -1.18
N ALA D 56 -11.20 -20.84 -1.10
CA ALA D 56 -11.96 -20.20 -2.16
C ALA D 56 -11.64 -18.70 -2.18
N ARG D 57 -11.87 -18.06 -3.32
CA ARG D 57 -11.61 -16.63 -3.45
C ARG D 57 -12.36 -15.84 -2.38
N LEU D 58 -11.66 -14.97 -1.68
CA LEU D 58 -12.23 -14.13 -0.62
C LEU D 58 -13.23 -13.13 -1.16
N TRP D 59 -14.36 -12.98 -0.47
CA TRP D 59 -15.36 -11.98 -0.86
C TRP D 59 -15.80 -11.15 0.36
N ILE D 60 -15.17 -10.00 0.51
CA ILE D 60 -15.44 -9.11 1.61
C ILE D 60 -16.51 -8.06 1.33
N GLU D 61 -17.49 -7.99 2.22
CA GLU D 61 -18.56 -7.01 2.12
C GLU D 61 -18.62 -6.36 3.50
N PHE D 62 -18.86 -5.05 3.53
CA PHE D 62 -18.91 -4.30 4.78
C PHE D 62 -20.32 -3.76 5.02
N GLU D 63 -20.84 -3.98 6.23
CA GLU D 63 -22.18 -3.49 6.57
C GLU D 63 -22.05 -2.22 7.41
N SER D 64 -22.70 -1.14 6.98
CA SER D 64 -22.65 0.13 7.69
C SER D 64 -23.57 0.13 8.89
N GLU D 65 -23.11 0.73 9.98
CA GLU D 65 -23.89 0.80 11.21
C GLU D 65 -25.36 1.14 10.93
N LYS D 66 -25.58 2.36 10.47
CA LYS D 66 -26.92 2.82 10.15
C LYS D 66 -27.14 2.67 8.65
N GLY D 67 -26.36 1.82 8.01
CA GLY D 67 -26.51 1.73 6.59
C GLY D 67 -26.55 0.45 5.80
N LEU D 68 -26.07 0.63 4.57
CA LEU D 68 -26.00 -0.38 3.53
C LEU D 68 -24.78 -1.28 3.62
N ASP D 69 -24.83 -2.37 2.86
CA ASP D 69 -23.72 -3.30 2.77
C ASP D 69 -23.02 -2.91 1.45
N TYR D 70 -21.70 -3.06 1.38
CA TYR D 70 -21.02 -2.68 0.16
C TYR D 70 -19.67 -3.35 -0.03
N GLY D 71 -19.35 -3.62 -1.30
CA GLY D 71 -18.10 -4.27 -1.63
C GLY D 71 -16.86 -3.69 -1.00
N GLY D 72 -15.97 -4.58 -0.59
CA GLY D 72 -14.70 -4.22 0.02
C GLY D 72 -13.63 -5.11 -0.60
N VAL D 73 -12.38 -4.87 -0.25
CA VAL D 73 -11.29 -5.67 -0.81
C VAL D 73 -10.56 -6.56 0.20
N ALA D 74 -10.11 -7.72 -0.25
CA ALA D 74 -9.39 -8.67 0.61
C ALA D 74 -8.20 -7.99 1.28
N ARG D 75 -7.49 -7.18 0.50
CA ARG D 75 -6.33 -6.41 0.95
C ARG D 75 -6.64 -5.67 2.26
N GLU D 76 -7.76 -4.97 2.27
CA GLU D 76 -8.18 -4.18 3.42
C GLU D 76 -8.54 -5.02 4.63
N TRP D 77 -9.33 -6.05 4.43
CA TRP D 77 -9.75 -6.91 5.52
C TRP D 77 -8.55 -7.34 6.36
N PHE D 78 -7.47 -7.74 5.70
CA PHE D 78 -6.27 -8.15 6.41
C PHE D 78 -5.70 -6.98 7.21
N PHE D 79 -5.55 -5.83 6.55
CA PHE D 79 -5.06 -4.64 7.21
C PHE D 79 -5.89 -4.34 8.49
N LEU D 80 -7.21 -4.23 8.38
CA LEU D 80 -8.03 -3.94 9.54
C LEU D 80 -8.04 -5.08 10.52
N LEU D 81 -8.11 -6.32 10.03
CA LEU D 81 -8.14 -7.45 10.95
C LEU D 81 -6.83 -7.63 11.69
N SER D 82 -5.72 -7.24 11.07
CA SER D 82 -4.40 -7.34 11.69
C SER D 82 -4.25 -6.39 12.87
N LYS D 83 -4.69 -5.15 12.68
CA LYS D 83 -4.59 -4.16 13.73
C LYS D 83 -5.29 -4.59 15.00
N GLU D 84 -6.23 -5.53 14.86
CA GLU D 84 -6.93 -6.02 16.03
C GLU D 84 -6.09 -7.10 16.71
N MET D 85 -5.99 -8.26 16.07
CA MET D 85 -5.25 -9.40 16.56
C MET D 85 -3.98 -9.01 17.28
N PHE D 86 -3.16 -8.21 16.62
CA PHE D 86 -1.89 -7.78 17.19
C PHE D 86 -1.96 -6.59 18.11
N ASN D 87 -3.15 -6.03 18.32
CA ASN D 87 -3.29 -4.93 19.27
C ASN D 87 -3.13 -5.62 20.62
N PRO D 88 -2.11 -5.24 21.39
CA PRO D 88 -1.86 -5.85 22.69
C PRO D 88 -2.98 -5.81 23.71
N TYR D 89 -4.01 -5.05 23.40
CA TYR D 89 -5.15 -4.91 24.30
C TYR D 89 -5.98 -6.18 24.42
N TYR D 90 -5.85 -7.09 23.46
CA TYR D 90 -6.60 -8.33 23.48
C TYR D 90 -5.91 -9.42 24.25
N GLY D 91 -4.70 -9.14 24.69
CA GLY D 91 -3.94 -10.11 25.45
C GLY D 91 -3.42 -11.30 24.64
N LEU D 92 -3.49 -11.25 23.31
CA LEU D 92 -3.00 -12.37 22.51
C LEU D 92 -1.54 -12.15 22.16
N PHE D 93 -1.18 -10.89 21.93
CA PHE D 93 0.20 -10.59 21.67
C PHE D 93 0.64 -9.37 22.46
N GLU D 94 1.95 -9.18 22.55
CA GLU D 94 2.53 -8.06 23.23
C GLU D 94 3.76 -7.68 22.47
N TYR D 95 4.29 -6.52 22.79
CA TYR D 95 5.50 -6.04 22.16
C TYR D 95 6.65 -6.53 23.03
N SER D 96 7.74 -6.92 22.39
CA SER D 96 8.90 -7.40 23.14
C SER D 96 9.38 -6.32 24.10
N ALA D 97 9.46 -5.08 23.62
CA ALA D 97 9.90 -3.98 24.45
C ALA D 97 9.08 -2.75 24.17
N THR D 98 9.04 -1.83 25.11
CA THR D 98 8.25 -0.63 24.92
C THR D 98 8.71 0.05 23.63
N ASP D 99 10.00 0.01 23.34
CA ASP D 99 10.50 0.65 22.13
C ASP D 99 10.93 -0.27 20.96
N ASN D 100 10.35 -1.47 20.84
CA ASN D 100 10.75 -2.35 19.75
C ASN D 100 9.67 -2.74 18.75
N TYR D 101 8.42 -2.46 19.07
CA TYR D 101 7.33 -2.77 18.17
C TYR D 101 7.35 -4.08 17.36
N THR D 102 7.90 -5.17 17.87
CA THR D 102 7.78 -6.43 17.13
C THR D 102 6.97 -7.31 18.07
N LEU D 103 6.01 -8.04 17.54
CA LEU D 103 5.18 -8.86 18.39
C LEU D 103 5.71 -10.24 18.77
N GLN D 104 5.25 -10.72 19.91
CA GLN D 104 5.61 -12.03 20.40
C GLN D 104 4.38 -12.52 21.16
N ILE D 105 4.22 -13.83 21.31
CA ILE D 105 3.04 -14.34 22.00
C ILE D 105 3.08 -13.97 23.46
N ASN D 106 1.95 -13.49 23.99
CA ASN D 106 1.92 -13.12 25.38
C ASN D 106 1.83 -14.35 26.25
N PRO D 107 2.82 -14.53 27.13
CA PRO D 107 2.86 -15.69 28.02
C PRO D 107 1.56 -15.87 28.82
N ASN D 108 0.90 -14.77 29.14
CA ASN D 108 -0.33 -14.85 29.92
C ASN D 108 -1.59 -14.75 29.12
N SER D 109 -1.55 -15.20 27.88
CA SER D 109 -2.74 -15.14 27.04
C SER D 109 -3.91 -15.88 27.66
N GLY D 110 -3.63 -16.89 28.48
CA GLY D 110 -4.71 -17.65 29.08
C GLY D 110 -5.35 -17.05 30.32
N LEU D 111 -4.67 -16.09 30.93
CA LEU D 111 -5.17 -15.45 32.13
C LEU D 111 -5.98 -14.24 31.71
N CYS D 112 -5.86 -13.91 30.42
CA CYS D 112 -6.56 -12.77 29.84
C CYS D 112 -7.79 -13.25 29.09
N ASN D 113 -7.66 -14.39 28.43
CA ASN D 113 -8.77 -14.93 27.67
C ASN D 113 -9.00 -16.43 27.93
N GLU D 114 -10.20 -16.78 28.41
CA GLU D 114 -10.53 -18.16 28.73
C GLU D 114 -10.38 -19.08 27.53
N ASP D 115 -10.63 -18.57 26.33
CA ASP D 115 -10.54 -19.36 25.11
C ASP D 115 -9.39 -18.94 24.21
N HIS D 116 -8.28 -18.49 24.80
CA HIS D 116 -7.17 -18.05 23.97
C HIS D 116 -6.75 -19.02 22.87
N LEU D 117 -6.63 -20.30 23.19
CA LEU D 117 -6.19 -21.26 22.18
C LEU D 117 -7.10 -21.25 20.97
N SER D 118 -8.36 -20.90 21.15
CA SER D 118 -9.25 -20.85 20.02
C SER D 118 -8.82 -19.66 19.20
N TYR D 119 -8.80 -18.48 19.82
CA TYR D 119 -8.38 -17.28 19.12
C TYR D 119 -7.04 -17.50 18.47
N PHE D 120 -6.17 -18.25 19.14
CA PHE D 120 -4.86 -18.48 18.56
C PHE D 120 -4.90 -19.33 17.31
N THR D 121 -5.79 -20.29 17.26
CA THR D 121 -5.93 -21.14 16.07
C THR D 121 -6.67 -20.35 15.01
N PHE D 122 -7.16 -19.17 15.42
CA PHE D 122 -7.89 -18.30 14.53
C PHE D 122 -6.88 -17.39 13.85
N ILE D 123 -6.01 -16.78 14.64
CA ILE D 123 -4.97 -15.90 14.10
C ILE D 123 -4.19 -16.73 13.08
N GLY D 124 -3.95 -18.00 13.42
CA GLY D 124 -3.23 -18.87 12.53
C GLY D 124 -4.02 -19.09 11.27
N ARG D 125 -5.30 -19.39 11.42
CA ARG D 125 -6.18 -19.61 10.27
C ARG D 125 -6.06 -18.40 9.33
N VAL D 126 -6.17 -17.20 9.91
CA VAL D 126 -6.06 -15.95 9.16
C VAL D 126 -4.70 -15.81 8.48
N ALA D 127 -3.63 -15.99 9.26
CA ALA D 127 -2.26 -15.87 8.75
C ALA D 127 -2.01 -16.82 7.59
N GLY D 128 -2.65 -18.00 7.64
CA GLY D 128 -2.53 -18.98 6.58
C GLY D 128 -3.27 -18.50 5.34
N LEU D 129 -4.51 -18.06 5.57
CA LEU D 129 -5.36 -17.53 4.52
C LEU D 129 -4.63 -16.40 3.80
N ALA D 130 -3.87 -15.60 4.56
CA ALA D 130 -3.10 -14.47 4.01
C ALA D 130 -2.10 -14.95 3.00
N VAL D 131 -1.25 -15.87 3.45
CA VAL D 131 -0.22 -16.45 2.61
C VAL D 131 -0.81 -17.25 1.45
N PHE D 132 -1.94 -17.89 1.68
CA PHE D 132 -2.57 -18.67 0.63
C PHE D 132 -2.95 -17.81 -0.56
N HIS D 133 -3.50 -16.63 -0.27
CA HIS D 133 -3.91 -15.69 -1.32
C HIS D 133 -2.92 -14.56 -1.61
N GLY D 134 -1.71 -14.67 -1.06
CA GLY D 134 -0.69 -13.67 -1.31
C GLY D 134 -1.06 -12.28 -0.86
N LYS D 135 -1.53 -12.18 0.37
CA LYS D 135 -1.89 -10.91 0.98
C LYS D 135 -1.07 -10.92 2.26
N LEU D 136 -0.67 -9.75 2.74
CA LEU D 136 0.18 -9.67 3.95
C LEU D 136 -0.57 -9.42 5.25
N LEU D 137 0.10 -9.71 6.35
CA LEU D 137 -0.43 -9.44 7.68
C LEU D 137 0.26 -8.12 8.01
N ASP D 138 -0.36 -7.29 8.83
CA ASP D 138 0.22 -6.01 9.14
C ASP D 138 0.95 -5.93 10.47
N GLY D 139 2.11 -6.57 10.56
CA GLY D 139 2.88 -6.54 11.79
C GLY D 139 4.02 -7.52 11.68
N PHE D 140 5.11 -7.28 12.41
CA PHE D 140 6.25 -8.18 12.37
C PHE D 140 6.41 -8.86 13.72
N PHE D 141 6.91 -10.08 13.72
CA PHE D 141 7.10 -10.83 14.96
C PHE D 141 8.58 -10.93 15.26
N ILE D 142 8.93 -11.30 16.50
CA ILE D 142 10.34 -11.45 16.85
C ILE D 142 10.87 -12.66 16.07
N ARG D 143 12.20 -12.77 15.96
CA ARG D 143 12.81 -13.86 15.20
C ARG D 143 12.34 -15.26 15.64
N PRO D 144 12.54 -15.62 16.91
CA PRO D 144 12.11 -16.94 17.38
C PRO D 144 10.76 -17.41 16.89
N PHE D 145 9.83 -16.48 16.71
CA PHE D 145 8.50 -16.86 16.25
C PHE D 145 8.58 -17.53 14.86
N TYR D 146 9.30 -16.90 13.93
CA TYR D 146 9.45 -17.46 12.60
C TYR D 146 10.24 -18.77 12.63
N LYS D 147 11.06 -18.96 13.66
CA LYS D 147 11.80 -20.19 13.74
C LYS D 147 11.00 -21.31 14.36
N MET D 148 9.91 -21.00 15.07
CA MET D 148 9.14 -22.08 15.66
C MET D 148 8.20 -22.70 14.62
N MET D 149 7.97 -21.97 13.53
CA MET D 149 7.13 -22.47 12.45
C MET D 149 8.02 -23.36 11.61
N LEU D 150 9.18 -22.81 11.25
CA LEU D 150 10.13 -23.54 10.44
C LEU D 150 10.63 -24.79 11.15
N GLY D 151 10.30 -24.91 12.44
CA GLY D 151 10.72 -26.08 13.19
C GLY D 151 12.21 -26.11 13.52
N LYS D 152 12.72 -25.02 14.07
CA LYS D 152 14.12 -24.96 14.42
C LYS D 152 14.27 -24.73 15.92
N GLN D 153 15.49 -24.78 16.43
CA GLN D 153 15.67 -24.56 17.85
C GLN D 153 15.88 -23.09 18.10
N ILE D 154 15.49 -22.66 19.29
CA ILE D 154 15.70 -21.29 19.66
C ILE D 154 16.97 -21.36 20.47
N THR D 155 18.01 -20.72 19.96
CA THR D 155 19.32 -20.74 20.59
C THR D 155 19.67 -19.38 21.20
N LEU D 156 20.83 -19.28 21.84
CA LEU D 156 21.21 -18.02 22.45
C LEU D 156 21.38 -16.97 21.39
N ASN D 157 21.93 -17.39 20.25
CA ASN D 157 22.15 -16.44 19.19
C ASN D 157 20.88 -15.75 18.75
N ASP D 158 19.77 -16.47 18.84
CA ASP D 158 18.50 -15.91 18.44
C ASP D 158 18.04 -14.74 19.25
N MET D 159 18.71 -14.47 20.37
CA MET D 159 18.29 -13.32 21.14
C MET D 159 18.99 -12.06 20.70
N GLU D 160 20.08 -12.18 19.96
CA GLU D 160 20.79 -10.98 19.54
C GLU D 160 19.85 -10.00 18.85
N SER D 161 18.97 -10.49 17.98
CA SER D 161 18.04 -9.60 17.28
C SER D 161 16.98 -9.03 18.19
N VAL D 162 16.29 -9.87 18.96
CA VAL D 162 15.23 -9.38 19.84
C VAL D 162 15.71 -8.25 20.78
N ASP D 163 16.87 -8.47 21.41
CA ASP D 163 17.48 -7.50 22.32
C ASP D 163 18.98 -7.77 22.50
N SER D 164 19.80 -6.90 21.91
CA SER D 164 21.24 -7.03 21.96
C SER D 164 21.91 -6.94 23.31
N GLU D 165 21.36 -6.17 24.25
CA GLU D 165 21.98 -6.05 25.55
C GLU D 165 21.83 -7.29 26.37
N TYR D 166 20.64 -7.88 26.33
CA TYR D 166 20.43 -9.09 27.10
C TYR D 166 21.33 -10.14 26.47
N TYR D 167 21.34 -10.16 25.14
CA TYR D 167 22.16 -11.11 24.43
C TYR D 167 23.61 -11.08 24.91
N ASN D 168 24.25 -9.92 24.82
CA ASN D 168 25.64 -9.79 25.24
C ASN D 168 25.92 -10.21 26.68
N SER D 169 24.99 -9.96 27.59
CA SER D 169 25.21 -10.36 28.97
C SER D 169 25.29 -11.87 29.11
N LEU D 170 24.31 -12.58 28.54
CA LEU D 170 24.32 -14.05 28.57
C LEU D 170 25.63 -14.51 27.91
N LYS D 171 25.91 -13.95 26.74
CA LYS D 171 27.10 -14.27 25.99
C LYS D 171 28.34 -14.03 26.86
N TRP D 172 28.34 -12.96 27.64
CA TRP D 172 29.49 -12.68 28.50
C TRP D 172 29.65 -13.85 29.47
N ILE D 173 28.57 -14.23 30.15
CA ILE D 173 28.57 -15.37 31.06
C ILE D 173 29.13 -16.63 30.39
N LEU D 174 28.60 -16.98 29.23
CA LEU D 174 29.07 -18.17 28.53
C LEU D 174 30.58 -18.14 28.24
N GLU D 175 31.11 -16.95 28.05
CA GLU D 175 32.51 -16.75 27.73
C GLU D 175 33.51 -16.62 28.87
N ASN D 176 33.04 -16.33 30.08
CA ASN D 176 33.93 -16.24 31.24
C ASN D 176 33.23 -16.62 32.55
N ASP D 177 34.01 -16.66 33.64
CA ASP D 177 33.49 -17.06 34.95
C ASP D 177 32.50 -16.14 35.64
N PRO D 178 31.31 -16.66 35.96
CA PRO D 178 30.23 -15.93 36.61
C PRO D 178 30.19 -16.06 38.13
N THR D 179 31.30 -16.42 38.76
CA THR D 179 31.24 -16.59 40.19
C THR D 179 30.94 -15.32 40.96
N GLU D 180 31.58 -14.23 40.57
CA GLU D 180 31.36 -12.98 41.29
C GLU D 180 30.12 -12.17 40.90
N LEU D 181 29.33 -12.66 39.95
CA LEU D 181 28.10 -11.96 39.56
C LEU D 181 26.99 -12.26 40.57
N ASP D 182 27.26 -13.23 41.44
CA ASP D 182 26.33 -13.68 42.47
C ASP D 182 24.91 -13.92 41.98
N LEU D 183 24.76 -14.83 41.03
CA LEU D 183 23.44 -15.17 40.51
C LEU D 183 22.99 -16.48 41.09
N MET D 184 21.68 -16.72 41.02
CA MET D 184 21.07 -17.95 41.50
C MET D 184 20.19 -18.41 40.36
N PHE D 185 19.73 -19.65 40.42
CA PHE D 185 18.89 -20.21 39.38
C PHE D 185 17.44 -19.74 39.44
N CYS D 186 17.26 -18.44 39.56
CA CYS D 186 15.93 -17.86 39.60
C CYS D 186 15.96 -16.61 38.74
N ILE D 187 14.79 -16.22 38.24
CA ILE D 187 14.64 -15.06 37.38
C ILE D 187 13.40 -14.27 37.85
N ASP D 188 13.50 -12.94 37.80
CA ASP D 188 12.40 -12.02 38.16
C ASP D 188 11.46 -11.89 36.95
N GLU D 189 10.18 -12.08 37.19
CA GLU D 189 9.18 -12.01 36.13
C GLU D 189 7.99 -11.16 36.55
N GLU D 190 7.70 -10.14 35.77
CA GLU D 190 6.60 -9.24 36.09
C GLU D 190 5.40 -9.32 35.18
N ASN D 191 4.29 -9.81 35.74
CA ASN D 191 3.06 -9.90 34.99
C ASN D 191 2.00 -9.18 35.85
N PHE D 192 1.07 -8.50 35.19
CA PHE D 192 0.02 -7.77 35.89
C PHE D 192 0.54 -6.81 36.97
N GLY D 193 1.48 -5.94 36.60
CA GLY D 193 2.01 -4.96 37.52
C GLY D 193 2.26 -5.54 38.90
N GLN D 194 2.66 -6.80 38.92
CA GLN D 194 2.98 -7.52 40.15
C GLN D 194 4.23 -8.37 39.88
N THR D 195 5.36 -7.91 40.40
CA THR D 195 6.66 -8.53 40.13
C THR D 195 6.96 -9.79 40.95
N TYR D 196 7.22 -10.88 40.25
CA TYR D 196 7.51 -12.19 40.84
C TYR D 196 8.98 -12.57 40.77
N GLN D 197 9.28 -13.72 41.35
CA GLN D 197 10.62 -14.30 41.34
C GLN D 197 10.36 -15.79 41.17
N VAL D 198 10.68 -16.34 40.00
CA VAL D 198 10.42 -17.75 39.77
C VAL D 198 11.66 -18.58 39.55
N ASP D 199 11.63 -19.80 40.08
CA ASP D 199 12.75 -20.72 39.97
C ASP D 199 12.80 -21.43 38.62
N LEU D 200 13.93 -21.28 37.91
CA LEU D 200 14.11 -21.90 36.60
C LEU D 200 14.17 -23.43 36.69
N LYS D 201 14.44 -23.93 37.89
CA LYS D 201 14.53 -25.36 38.16
C LYS D 201 14.22 -25.55 39.64
N PRO D 202 13.79 -26.76 40.03
CA PRO D 202 13.47 -27.03 41.44
C PRO D 202 14.47 -26.41 42.43
N ASN D 203 13.94 -25.61 43.34
CA ASN D 203 14.77 -24.99 44.36
C ASN D 203 15.92 -24.14 43.81
N GLY D 204 15.69 -23.56 42.64
CA GLY D 204 16.71 -22.75 41.99
C GLY D 204 17.20 -21.58 42.81
N SER D 205 16.26 -20.87 43.42
CA SER D 205 16.56 -19.71 44.26
C SER D 205 17.76 -19.94 45.19
N GLU D 206 18.01 -21.22 45.47
CA GLU D 206 19.08 -21.63 46.38
C GLU D 206 20.39 -22.04 45.75
N ILE D 207 20.44 -22.16 44.43
CA ILE D 207 21.65 -22.60 43.77
C ILE D 207 22.50 -21.51 43.13
N MET D 208 23.79 -21.52 43.43
CA MET D 208 24.69 -20.53 42.86
C MET D 208 24.95 -20.91 41.41
N VAL D 209 25.24 -19.92 40.58
CA VAL D 209 25.57 -20.16 39.17
C VAL D 209 27.09 -20.23 39.18
N THR D 210 27.58 -21.45 39.38
CA THR D 210 29.01 -21.69 39.42
C THR D 210 29.44 -21.72 37.98
N ASN D 211 30.65 -22.18 37.73
CA ASN D 211 31.10 -22.24 36.36
C ASN D 211 30.94 -23.66 35.81
N GLU D 212 30.57 -24.60 36.67
CA GLU D 212 30.38 -25.98 36.26
C GLU D 212 28.91 -26.22 35.93
N ASN D 213 28.13 -25.14 35.81
CA ASN D 213 26.69 -25.24 35.51
C ASN D 213 26.10 -24.01 34.80
N LYS D 214 26.95 -23.10 34.32
CA LYS D 214 26.45 -21.90 33.65
C LYS D 214 25.81 -22.18 32.30
N ARG D 215 26.23 -23.25 31.62
CA ARG D 215 25.65 -23.59 30.34
C ARG D 215 24.19 -24.00 30.49
N GLU D 216 23.88 -24.62 31.62
CA GLU D 216 22.55 -25.09 31.91
C GLU D 216 21.64 -23.94 32.26
N TYR D 217 22.22 -22.89 32.83
CA TYR D 217 21.47 -21.70 33.20
C TYR D 217 21.03 -21.05 31.90
N ILE D 218 22.00 -20.56 31.13
CA ILE D 218 21.71 -19.92 29.86
C ILE D 218 20.66 -20.75 29.13
N ASP D 219 20.82 -22.06 29.10
CA ASP D 219 19.86 -22.94 28.45
C ASP D 219 18.43 -22.73 28.92
N LEU D 220 18.27 -22.51 30.23
CA LEU D 220 16.98 -22.30 30.88
C LEU D 220 16.50 -20.87 30.73
N VAL D 221 17.35 -19.92 31.06
CA VAL D 221 17.02 -18.51 30.94
C VAL D 221 16.45 -18.25 29.56
N ILE D 222 16.99 -18.90 28.53
CA ILE D 222 16.46 -18.67 27.20
C ILE D 222 15.19 -19.42 26.88
N GLN D 223 15.11 -20.67 27.31
CA GLN D 223 13.91 -21.47 27.08
C GLN D 223 12.72 -20.86 27.83
N TRP D 224 13.00 -20.06 28.84
CA TRP D 224 11.96 -19.41 29.65
C TRP D 224 11.51 -18.10 29.01
N ARG D 225 12.43 -17.42 28.34
CA ARG D 225 12.09 -16.17 27.72
C ARG D 225 11.37 -16.31 26.39
N PHE D 226 11.67 -17.37 25.63
CA PHE D 226 11.05 -17.52 24.31
C PHE D 226 10.25 -18.80 24.04
N VAL D 227 10.44 -19.83 24.85
CA VAL D 227 9.74 -21.08 24.60
C VAL D 227 8.77 -21.74 25.60
N ASN D 228 9.22 -21.98 26.84
CA ASN D 228 8.42 -22.64 27.89
C ASN D 228 6.97 -22.25 28.00
N ARG D 229 6.71 -20.95 27.85
CA ARG D 229 5.37 -20.39 28.05
C ARG D 229 4.48 -20.03 26.87
N VAL D 230 4.79 -20.54 25.68
CA VAL D 230 3.96 -20.19 24.55
C VAL D 230 3.59 -21.39 23.73
N GLN D 231 4.09 -22.56 24.10
CA GLN D 231 3.80 -23.77 23.34
C GLN D 231 2.32 -24.11 23.08
N LYS D 232 1.44 -24.04 24.08
CA LYS D 232 0.05 -24.34 23.77
C LYS D 232 -0.42 -23.35 22.73
N GLN D 233 0.01 -22.10 22.86
CA GLN D 233 -0.37 -21.06 21.93
C GLN D 233 0.26 -21.26 20.57
N MET D 234 1.60 -21.25 20.54
CA MET D 234 2.30 -21.42 19.28
C MET D 234 1.78 -22.66 18.53
N ASN D 235 1.37 -23.68 19.27
CA ASN D 235 0.86 -24.89 18.64
C ASN D 235 -0.54 -24.67 18.09
N ALA D 236 -1.39 -24.00 18.85
CA ALA D 236 -2.75 -23.73 18.40
C ALA D 236 -2.68 -22.90 17.13
N PHE D 237 -1.71 -21.99 17.09
CA PHE D 237 -1.50 -21.12 15.92
C PHE D 237 -1.20 -22.02 14.73
N LEU D 238 -0.14 -22.81 14.85
CA LEU D 238 0.25 -23.71 13.78
C LEU D 238 -0.88 -24.64 13.39
N GLU D 239 -1.69 -25.04 14.37
CA GLU D 239 -2.83 -25.91 14.09
C GLU D 239 -3.70 -25.28 12.99
N GLY D 240 -4.08 -24.02 13.19
CA GLY D 240 -4.90 -23.32 12.22
C GLY D 240 -4.13 -22.76 11.05
N PHE D 241 -2.82 -22.62 11.17
CA PHE D 241 -2.05 -22.09 10.07
C PHE D 241 -1.98 -23.12 8.98
N THR D 242 -1.72 -24.35 9.41
CA THR D 242 -1.59 -25.49 8.50
C THR D 242 -2.94 -26.02 8.06
N GLU D 243 -3.97 -25.23 8.36
CA GLU D 243 -5.33 -25.57 7.99
C GLU D 243 -5.44 -25.39 6.48
N LEU D 244 -4.55 -24.58 5.92
CA LEU D 244 -4.56 -24.30 4.50
C LEU D 244 -3.23 -24.57 3.83
N LEU D 245 -2.16 -24.66 4.62
CA LEU D 245 -0.85 -24.89 4.05
C LEU D 245 -0.15 -26.12 4.60
N PRO D 246 0.42 -26.96 3.71
CA PRO D 246 1.14 -28.18 4.14
C PRO D 246 2.42 -27.61 4.72
N ILE D 247 2.61 -27.71 6.03
CA ILE D 247 3.82 -27.12 6.63
C ILE D 247 5.12 -27.35 5.89
N ASP D 248 5.22 -28.47 5.17
CA ASP D 248 6.44 -28.76 4.43
C ASP D 248 6.57 -27.87 3.21
N LEU D 249 5.50 -27.20 2.87
CA LEU D 249 5.54 -26.32 1.71
C LEU D 249 6.12 -24.98 2.17
N ILE D 250 5.90 -24.64 3.43
CA ILE D 250 6.43 -23.39 3.98
C ILE D 250 7.91 -23.57 4.28
N LYS D 251 8.29 -24.77 4.69
CA LYS D 251 9.67 -25.06 5.04
C LYS D 251 10.69 -25.01 3.88
N ILE D 252 10.25 -24.62 2.69
CA ILE D 252 11.17 -24.50 1.56
C ILE D 252 11.88 -23.15 1.70
N PHE D 253 11.25 -22.24 2.43
CA PHE D 253 11.79 -20.91 2.69
C PHE D 253 12.55 -20.92 4.02
N ASP D 254 13.25 -19.82 4.29
CA ASP D 254 13.97 -19.71 5.53
C ASP D 254 13.34 -18.61 6.40
N GLU D 255 13.87 -18.46 7.61
CA GLU D 255 13.36 -17.50 8.57
C GLU D 255 13.23 -16.08 8.02
N ASN D 256 13.97 -15.74 6.97
CA ASN D 256 13.87 -14.40 6.40
C ASN D 256 12.90 -14.29 5.26
N GLU D 257 12.84 -15.32 4.44
CA GLU D 257 11.91 -15.28 3.33
C GLU D 257 10.53 -15.48 3.93
N LEU D 258 10.43 -16.33 4.94
CA LEU D 258 9.13 -16.55 5.55
C LEU D 258 8.59 -15.24 6.11
N GLU D 259 9.47 -14.49 6.76
CA GLU D 259 9.09 -13.22 7.36
C GLU D 259 8.66 -12.25 6.29
N LEU D 260 9.20 -12.43 5.09
CA LEU D 260 8.90 -11.59 3.92
C LEU D 260 7.70 -12.06 3.13
N LEU D 261 7.21 -13.25 3.42
CA LEU D 261 6.08 -13.81 2.74
C LEU D 261 4.82 -13.59 3.57
N MET D 262 5.00 -13.39 4.87
CA MET D 262 3.86 -13.18 5.75
C MET D 262 3.61 -11.73 6.03
N CYS D 263 4.68 -10.97 6.23
CA CYS D 263 4.56 -9.57 6.57
C CYS D 263 5.10 -8.60 5.52
N GLY D 264 5.62 -9.16 4.43
CA GLY D 264 6.16 -8.35 3.35
C GLY D 264 7.43 -7.63 3.73
N LEU D 265 7.91 -6.77 2.83
CA LEU D 265 9.09 -6.01 3.14
C LEU D 265 8.57 -4.99 4.12
N GLY D 266 9.43 -4.45 4.99
CA GLY D 266 8.93 -3.49 5.95
C GLY D 266 9.25 -2.05 5.60
N ASP D 267 8.75 -1.58 4.46
CA ASP D 267 9.03 -0.22 4.02
C ASP D 267 8.41 0.92 4.81
N VAL D 268 9.23 1.94 5.05
CA VAL D 268 8.86 3.12 5.79
C VAL D 268 8.03 4.08 4.95
N ASP D 269 6.99 4.64 5.55
CA ASP D 269 6.10 5.61 4.87
C ASP D 269 6.75 6.99 4.98
N VAL D 270 7.72 7.28 4.12
CA VAL D 270 8.44 8.54 4.19
C VAL D 270 7.61 9.79 4.43
N ASN D 271 6.34 9.79 4.05
CA ASN D 271 5.53 10.97 4.29
C ASN D 271 5.27 11.13 5.78
N ASP D 272 4.70 10.08 6.39
CA ASP D 272 4.39 10.06 7.81
C ASP D 272 5.64 10.25 8.65
N TRP D 273 6.74 9.65 8.20
CA TRP D 273 8.02 9.73 8.90
C TRP D 273 8.39 11.20 9.09
N ARG D 274 8.34 11.95 8.00
CA ARG D 274 8.64 13.37 8.02
C ARG D 274 7.58 14.18 8.76
N GLN D 275 6.32 13.93 8.42
CA GLN D 275 5.22 14.65 9.05
C GLN D 275 5.21 14.57 10.57
N HIS D 276 6.02 13.70 11.17
CA HIS D 276 6.03 13.61 12.63
C HIS D 276 7.43 13.65 13.20
N SER D 277 8.29 14.35 12.49
CA SER D 277 9.66 14.51 12.95
C SER D 277 9.71 15.88 13.60
N ILE D 278 10.61 16.06 14.55
CA ILE D 278 10.76 17.34 15.20
C ILE D 278 12.23 17.72 15.11
N TYR D 279 12.48 19.02 15.12
CA TYR D 279 13.84 19.51 15.00
C TYR D 279 14.27 20.31 16.22
N LYS D 280 15.53 20.12 16.60
CA LYS D 280 16.11 20.80 17.75
C LYS D 280 17.38 21.55 17.42
N ASN D 281 17.63 22.61 18.17
CA ASN D 281 18.83 23.42 18.04
C ASN D 281 19.20 23.90 16.62
N GLY D 282 18.43 24.85 16.11
CA GLY D 282 18.74 25.43 14.81
C GLY D 282 18.14 24.91 13.51
N TYR D 283 17.34 23.84 13.58
CA TYR D 283 16.73 23.30 12.37
C TYR D 283 15.22 23.47 12.40
N CYS D 284 14.60 23.37 11.23
CA CYS D 284 13.15 23.48 11.12
C CYS D 284 12.68 22.78 9.85
N PRO D 285 11.36 22.63 9.68
CA PRO D 285 10.74 21.99 8.53
C PRO D 285 11.22 22.47 7.16
N ASN D 286 11.66 23.72 7.09
CA ASN D 286 12.12 24.24 5.80
C ASN D 286 13.55 24.69 5.73
N HIS D 287 14.33 24.44 6.76
CA HIS D 287 15.74 24.82 6.73
C HIS D 287 16.37 23.96 5.63
N PRO D 288 17.19 24.56 4.76
CA PRO D 288 17.84 23.85 3.65
C PRO D 288 18.50 22.50 3.94
N VAL D 289 19.19 22.39 5.07
CA VAL D 289 19.83 21.12 5.39
C VAL D 289 18.78 20.05 5.66
N ILE D 290 17.70 20.43 6.31
CA ILE D 290 16.61 19.50 6.59
C ILE D 290 15.94 19.12 5.27
N GLN D 291 15.71 20.13 4.43
CA GLN D 291 15.09 19.93 3.12
C GLN D 291 15.93 18.94 2.34
N TRP D 292 17.24 19.07 2.46
CA TRP D 292 18.16 18.17 1.76
C TRP D 292 18.06 16.75 2.30
N PHE D 293 17.94 16.63 3.62
CA PHE D 293 17.83 15.32 4.26
C PHE D 293 16.66 14.53 3.71
N TRP D 294 15.46 15.01 4.01
CA TRP D 294 14.26 14.36 3.55
C TRP D 294 14.33 14.03 2.07
N LYS D 295 15.21 14.74 1.36
CA LYS D 295 15.41 14.52 -0.06
C LYS D 295 16.18 13.22 -0.24
N ALA D 296 17.42 13.23 0.20
CA ALA D 296 18.27 12.06 0.10
C ALA D 296 17.53 10.81 0.59
N VAL D 297 16.54 10.98 1.46
CA VAL D 297 15.79 9.83 1.96
C VAL D 297 14.98 9.16 0.87
N LEU D 298 14.28 9.96 0.05
CA LEU D 298 13.47 9.44 -1.03
C LEU D 298 14.32 8.76 -2.10
N LEU D 299 15.49 9.31 -2.37
CA LEU D 299 16.38 8.76 -3.37
C LEU D 299 16.76 7.29 -3.07
N MET D 300 17.33 7.04 -1.90
CA MET D 300 17.72 5.67 -1.53
C MET D 300 16.47 4.81 -1.48
N ASP D 301 16.60 3.56 -1.94
CA ASP D 301 15.50 2.62 -1.97
C ASP D 301 14.98 2.22 -0.60
N ALA D 302 14.09 1.24 -0.59
CA ALA D 302 13.49 0.72 0.63
C ALA D 302 14.49 0.25 1.67
N GLU D 303 15.26 -0.78 1.32
CA GLU D 303 16.24 -1.36 2.24
C GLU D 303 17.06 -0.33 3.01
N LYS D 304 17.80 0.51 2.29
CA LYS D 304 18.62 1.55 2.91
C LYS D 304 17.79 2.49 3.78
N ARG D 305 16.52 2.62 3.45
CA ARG D 305 15.61 3.50 4.15
C ARG D 305 15.27 2.95 5.55
N ILE D 306 15.35 1.64 5.70
CA ILE D 306 15.04 1.00 6.99
C ILE D 306 16.26 1.01 7.89
N ARG D 307 17.45 0.83 7.31
CA ARG D 307 18.69 0.84 8.10
C ARG D 307 18.71 2.19 8.81
N LEU D 308 18.63 3.25 8.02
CA LEU D 308 18.62 4.60 8.54
C LEU D 308 17.65 4.70 9.70
N LEU D 309 16.39 4.33 9.49
CA LEU D 309 15.40 4.38 10.57
C LEU D 309 15.88 3.67 11.84
N GLN D 310 16.67 2.62 11.66
CA GLN D 310 17.18 1.84 12.79
C GLN D 310 18.38 2.52 13.45
N PHE D 311 19.38 2.79 12.62
CA PHE D 311 20.59 3.47 13.05
C PHE D 311 20.25 4.63 13.98
N VAL D 312 19.02 5.13 13.86
CA VAL D 312 18.53 6.26 14.64
C VAL D 312 17.61 5.93 15.80
N THR D 313 16.59 5.11 15.57
CA THR D 313 15.64 4.78 16.64
C THR D 313 16.10 3.58 17.44
N GLY D 314 16.91 2.72 16.81
CA GLY D 314 17.39 1.53 17.48
C GLY D 314 16.67 0.28 16.98
N THR D 315 15.55 0.51 16.30
CA THR D 315 14.74 -0.57 15.75
C THR D 315 14.50 -0.35 14.26
N SER D 316 14.23 -1.42 13.51
CA SER D 316 13.98 -1.26 12.09
C SER D 316 12.48 -1.27 11.82
N ARG D 317 11.68 -1.22 12.88
CA ARG D 317 10.24 -1.22 12.71
C ARG D 317 9.61 0.07 13.17
N VAL D 318 8.40 0.28 12.69
CA VAL D 318 7.61 1.46 13.00
C VAL D 318 6.38 0.99 13.75
N PRO D 319 5.92 1.77 14.72
CA PRO D 319 4.73 1.34 15.46
C PRO D 319 3.52 1.14 14.54
N MET D 320 2.55 0.37 15.02
CA MET D 320 1.35 0.07 14.25
C MET D 320 0.52 1.27 13.81
N ASN D 321 0.57 2.35 14.59
CA ASN D 321 -0.21 3.53 14.26
C ASN D 321 0.46 4.52 13.34
N GLY D 322 1.59 5.06 13.76
CA GLY D 322 2.29 6.00 12.92
C GLY D 322 3.54 6.43 13.62
N PHE D 323 4.31 7.30 12.99
CA PHE D 323 5.52 7.76 13.65
C PHE D 323 5.16 8.57 14.87
N ALA D 324 3.89 8.93 14.96
CA ALA D 324 3.36 9.69 16.07
C ALA D 324 3.56 8.92 17.37
N GLU D 325 3.24 7.63 17.34
CA GLU D 325 3.41 6.80 18.53
C GLU D 325 4.77 6.12 18.49
N LEU D 326 5.81 6.89 18.19
CA LEU D 326 7.19 6.34 18.15
C LEU D 326 7.70 6.52 19.59
N TYR D 327 8.44 5.56 20.09
CA TYR D 327 8.74 5.59 21.51
C TYR D 327 10.14 5.48 21.79
N GLY D 328 10.51 5.64 23.05
CA GLY D 328 11.91 5.52 23.35
C GLY D 328 12.20 4.88 24.69
N SER D 329 13.48 4.77 25.00
CA SER D 329 13.93 4.18 26.25
C SER D 329 13.08 4.67 27.42
N ASN D 330 12.92 5.99 27.52
CA ASN D 330 12.13 6.56 28.61
C ASN D 330 10.70 7.02 28.28
N GLY D 331 10.09 6.45 27.25
CA GLY D 331 8.71 6.78 26.95
C GLY D 331 8.54 7.35 25.57
N PRO D 332 7.38 7.95 25.28
CA PRO D 332 7.08 8.55 23.98
C PRO D 332 8.19 9.51 23.52
N GLN D 333 8.65 9.35 22.28
CA GLN D 333 9.71 10.22 21.76
C GLN D 333 9.74 10.16 20.24
N LEU D 334 9.36 11.26 19.59
CA LEU D 334 9.31 11.33 18.14
C LEU D 334 10.68 11.45 17.49
N PHE D 335 10.76 11.15 16.20
CA PHE D 335 12.04 11.24 15.47
C PHE D 335 12.52 12.68 15.58
N THR D 336 13.82 12.85 15.82
CA THR D 336 14.38 14.16 15.99
C THR D 336 15.72 14.34 15.28
N ILE D 337 15.98 15.56 14.82
CA ILE D 337 17.26 15.84 14.20
C ILE D 337 17.65 17.19 14.77
N GLU D 338 18.84 17.26 15.34
CA GLU D 338 19.31 18.51 15.91
C GLU D 338 20.65 18.84 15.29
N GLN D 339 20.81 20.11 14.94
CA GLN D 339 22.04 20.57 14.30
C GLN D 339 23.27 20.33 15.15
N TRP D 340 24.25 19.62 14.59
CA TRP D 340 25.48 19.34 15.30
C TRP D 340 26.69 18.99 14.43
N GLY D 341 27.87 19.46 14.86
CA GLY D 341 29.11 19.19 14.16
C GLY D 341 29.50 20.06 12.98
N SER D 342 30.62 19.72 12.37
CA SER D 342 31.11 20.43 11.19
C SER D 342 30.86 19.48 10.03
N PRO D 343 30.72 20.01 8.81
CA PRO D 343 30.47 19.14 7.66
C PRO D 343 31.46 17.98 7.55
N GLU D 344 32.49 18.01 8.41
CA GLU D 344 33.50 16.96 8.44
C GLU D 344 32.86 15.69 8.98
N LYS D 345 32.40 15.78 10.22
CA LYS D 345 31.78 14.68 10.96
C LYS D 345 30.62 13.99 10.26
N LEU D 346 30.59 12.66 10.34
CA LEU D 346 29.52 11.86 9.76
C LEU D 346 28.43 11.95 10.81
N PRO D 347 27.16 11.87 10.41
CA PRO D 347 26.08 11.96 11.41
C PRO D 347 26.15 10.91 12.52
N ARG D 348 25.71 11.31 13.71
CA ARG D 348 25.70 10.43 14.87
C ARG D 348 24.23 10.18 15.25
N ALA D 349 23.99 9.30 16.22
CA ALA D 349 22.63 9.00 16.64
C ALA D 349 22.47 8.54 18.09
N HIS D 350 21.47 9.10 18.77
CA HIS D 350 21.17 8.74 20.16
C HIS D 350 19.93 7.84 20.14
N THR D 351 20.17 6.55 19.88
CA THR D 351 19.13 5.53 19.78
C THR D 351 18.15 5.50 20.93
N SER D 352 18.59 6.01 22.08
CA SER D 352 17.75 6.01 23.27
C SER D 352 16.84 7.23 23.33
N PHE D 353 17.00 8.12 22.35
CA PHE D 353 16.21 9.36 22.22
C PHE D 353 15.69 9.56 20.80
N ASN D 354 15.87 8.55 19.94
CA ASN D 354 15.43 8.59 18.54
C ASN D 354 15.89 9.91 17.95
N ARG D 355 17.19 10.10 17.87
CA ARG D 355 17.71 11.35 17.35
C ARG D 355 18.86 11.24 16.39
N LEU D 356 18.89 12.16 15.43
CA LEU D 356 19.97 12.20 14.46
C LEU D 356 20.75 13.49 14.64
N ASP D 357 22.04 13.38 14.96
CA ASP D 357 22.89 14.54 15.12
C ASP D 357 23.45 14.77 13.73
N LEU D 358 22.77 15.62 12.97
CA LEU D 358 23.18 15.90 11.60
C LEU D 358 23.87 17.24 11.44
N PRO D 359 25.10 17.23 10.90
CA PRO D 359 25.91 18.42 10.65
C PRO D 359 25.28 19.31 9.58
N PRO D 360 25.68 20.59 9.54
CA PRO D 360 25.14 21.53 8.53
C PRO D 360 26.05 21.47 7.30
N TYR D 361 25.89 20.41 6.50
CA TYR D 361 26.71 20.21 5.30
C TYR D 361 26.62 21.32 4.26
N GLU D 362 27.70 21.44 3.47
CA GLU D 362 27.86 22.44 2.42
C GLU D 362 26.81 22.39 1.29
N THR D 363 26.95 21.38 0.45
CA THR D 363 26.04 21.19 -0.68
C THR D 363 25.07 20.06 -0.40
N PHE D 364 24.35 19.64 -1.42
CA PHE D 364 23.42 18.54 -1.22
C PHE D 364 24.14 17.21 -1.40
N GLU D 365 25.18 17.18 -2.22
CA GLU D 365 25.90 15.92 -2.42
C GLU D 365 26.72 15.54 -1.19
N ASP D 366 27.14 16.54 -0.40
CA ASP D 366 27.90 16.22 0.81
C ASP D 366 27.01 15.45 1.78
N LEU D 367 25.77 15.91 1.92
CA LEU D 367 24.78 15.29 2.79
C LEU D 367 24.59 13.85 2.34
N ARG D 368 23.99 13.68 1.16
CA ARG D 368 23.73 12.36 0.59
C ARG D 368 24.96 11.45 0.55
N GLU D 369 26.14 12.03 0.67
CA GLU D 369 27.39 11.26 0.62
C GLU D 369 27.81 10.82 2.02
N LYS D 370 27.71 11.74 2.98
CA LYS D 370 28.07 11.47 4.36
C LYS D 370 26.99 10.67 5.09
N LEU D 371 25.75 10.77 4.63
CA LEU D 371 24.64 10.05 5.25
C LEU D 371 24.63 8.60 4.80
N LEU D 372 24.91 8.38 3.53
CA LEU D 372 24.95 7.00 3.03
C LEU D 372 26.10 6.30 3.72
N MET D 373 27.23 7.00 3.86
CA MET D 373 28.37 6.42 4.53
C MET D 373 27.88 5.93 5.89
N ALA D 374 27.45 6.87 6.71
CA ALA D 374 26.96 6.56 8.05
C ALA D 374 25.89 5.46 8.10
N VAL D 375 25.00 5.43 7.10
CA VAL D 375 23.93 4.42 7.09
C VAL D 375 24.43 3.02 6.80
N GLU D 376 25.27 2.89 5.79
CA GLU D 376 25.76 1.59 5.40
C GLU D 376 26.85 1.08 6.29
N ASN D 377 26.88 1.47 7.55
CA ASN D 377 27.95 0.96 8.35
C ASN D 377 27.49 0.94 9.78
N ALA D 378 26.36 0.25 9.99
CA ALA D 378 25.76 0.13 11.30
C ALA D 378 25.34 -1.33 11.50
N GLN D 379 25.40 -1.79 12.74
CA GLN D 379 25.06 -3.16 13.11
C GLN D 379 23.55 -3.44 13.22
N MET E 6 -27.29 35.25 -43.07
CA MET E 6 -26.55 33.95 -43.13
C MET E 6 -27.17 32.95 -42.16
N GLN E 7 -27.48 31.76 -42.65
CA GLN E 7 -28.11 30.72 -41.81
C GLN E 7 -27.29 29.41 -41.68
N ILE E 8 -27.10 28.95 -40.44
CA ILE E 8 -26.34 27.72 -40.15
C ILE E 8 -27.13 26.67 -39.35
N PHE E 9 -26.49 25.53 -39.10
CA PHE E 9 -27.09 24.43 -38.33
C PHE E 9 -26.12 23.93 -37.24
N VAL E 10 -26.67 23.59 -36.08
CA VAL E 10 -25.88 23.08 -34.95
C VAL E 10 -26.53 21.76 -34.50
N LYS E 11 -25.94 20.64 -34.89
CA LYS E 11 -26.47 19.31 -34.56
C LYS E 11 -26.04 18.77 -33.19
N THR E 12 -27.02 18.37 -32.38
CA THR E 12 -26.76 17.80 -31.05
C THR E 12 -26.61 16.30 -31.22
N LEU E 13 -25.94 15.66 -30.28
CA LEU E 13 -25.71 14.22 -30.34
C LEU E 13 -26.98 13.35 -30.41
N THR E 14 -28.17 13.95 -30.25
CA THR E 14 -29.43 13.21 -30.29
C THR E 14 -30.04 13.12 -31.69
N GLY E 15 -29.48 13.89 -32.62
CA GLY E 15 -30.00 13.88 -33.99
C GLY E 15 -30.72 15.19 -34.26
N LYS E 16 -31.07 15.87 -33.17
CA LYS E 16 -31.76 17.15 -33.23
C LYS E 16 -30.84 18.19 -33.86
N THR E 17 -31.39 19.38 -34.16
CA THR E 17 -30.61 20.45 -34.75
C THR E 17 -31.15 21.82 -34.34
N ILE E 18 -30.23 22.78 -34.24
CA ILE E 18 -30.55 24.15 -33.83
C ILE E 18 -30.16 25.16 -34.93
N THR E 19 -31.12 25.56 -35.76
CA THR E 19 -30.83 26.52 -36.82
C THR E 19 -30.78 27.92 -36.20
N LEU E 20 -29.66 28.62 -36.43
CA LEU E 20 -29.48 29.97 -35.89
C LEU E 20 -29.27 31.00 -36.99
N GLU E 21 -29.26 32.27 -36.58
CA GLU E 21 -29.06 33.39 -37.52
C GLU E 21 -27.77 34.14 -37.19
N VAL E 22 -26.78 34.04 -38.07
CA VAL E 22 -25.49 34.69 -37.83
C VAL E 22 -24.92 35.47 -39.03
N GLU E 23 -23.80 36.14 -38.77
CA GLU E 23 -23.09 36.91 -39.78
C GLU E 23 -21.67 36.31 -39.75
N PRO E 24 -20.96 36.35 -40.89
CA PRO E 24 -19.60 35.83 -41.06
C PRO E 24 -18.49 36.38 -40.15
N SER E 25 -18.77 37.46 -39.43
CA SER E 25 -17.74 38.03 -38.55
C SER E 25 -17.88 37.70 -37.06
N ASP E 26 -18.95 36.98 -36.72
CA ASP E 26 -19.23 36.58 -35.34
C ASP E 26 -18.16 35.66 -34.77
N THR E 27 -17.83 35.86 -33.50
CA THR E 27 -16.82 35.02 -32.83
C THR E 27 -17.51 33.75 -32.28
N ILE E 28 -16.91 32.59 -32.54
CA ILE E 28 -17.46 31.29 -32.10
C ILE E 28 -17.96 31.37 -30.65
N GLU E 29 -17.33 32.22 -29.85
CA GLU E 29 -17.70 32.40 -28.45
C GLU E 29 -19.15 32.91 -28.35
N ASN E 30 -19.65 33.47 -29.45
CA ASN E 30 -21.01 34.00 -29.50
C ASN E 30 -22.02 33.03 -30.10
N VAL E 31 -21.55 32.07 -30.90
CA VAL E 31 -22.44 31.08 -31.50
C VAL E 31 -23.03 30.31 -30.31
N LYS E 32 -22.28 30.28 -29.22
CA LYS E 32 -22.67 29.59 -27.99
C LYS E 32 -23.65 30.42 -27.15
N ALA E 33 -23.42 31.73 -27.09
CA ALA E 33 -24.30 32.60 -26.32
C ALA E 33 -25.73 32.46 -26.86
N LYS E 34 -25.85 32.24 -28.17
CA LYS E 34 -27.16 32.08 -28.81
C LYS E 34 -27.73 30.67 -28.66
N ILE E 35 -26.87 29.67 -28.74
CA ILE E 35 -27.31 28.29 -28.57
C ILE E 35 -27.69 28.19 -27.08
N GLN E 36 -27.19 29.15 -26.31
CA GLN E 36 -27.44 29.21 -24.86
C GLN E 36 -28.81 29.76 -24.47
N ASP E 37 -29.65 30.06 -25.46
CA ASP E 37 -30.98 30.58 -25.17
C ASP E 37 -32.01 29.66 -25.76
N LYS E 38 -31.58 28.99 -26.83
CA LYS E 38 -32.41 28.02 -27.52
C LYS E 38 -32.28 26.66 -26.82
N GLU E 39 -31.20 26.50 -26.07
CA GLU E 39 -30.94 25.25 -25.35
C GLU E 39 -30.63 25.48 -23.87
N GLY E 40 -30.12 26.68 -23.56
CA GLY E 40 -29.78 26.99 -22.17
C GLY E 40 -28.56 26.26 -21.67
N ILE E 41 -27.54 26.15 -22.51
CA ILE E 41 -26.32 25.45 -22.15
C ILE E 41 -25.17 26.44 -22.06
N PRO E 42 -24.65 26.68 -20.83
CA PRO E 42 -23.53 27.62 -20.66
C PRO E 42 -22.39 27.30 -21.62
N PRO E 43 -21.74 28.33 -22.19
CA PRO E 43 -20.62 28.19 -23.14
C PRO E 43 -19.40 27.36 -22.71
N ASP E 44 -19.00 27.47 -21.45
CA ASP E 44 -17.85 26.74 -20.93
C ASP E 44 -18.04 25.20 -20.87
N GLN E 45 -19.24 24.74 -21.23
CA GLN E 45 -19.55 23.32 -21.26
C GLN E 45 -19.95 22.96 -22.70
N GLN E 46 -19.56 23.82 -23.64
CA GLN E 46 -19.86 23.59 -25.04
C GLN E 46 -18.61 23.43 -25.89
N ARG E 47 -18.78 22.77 -27.02
CA ARG E 47 -17.70 22.52 -27.97
C ARG E 47 -18.34 22.33 -29.33
N LEU E 48 -18.03 23.23 -30.26
CA LEU E 48 -18.58 23.10 -31.59
C LEU E 48 -17.55 22.48 -32.54
N ILE E 49 -17.78 21.23 -32.88
CA ILE E 49 -16.87 20.50 -33.77
C ILE E 49 -17.28 20.70 -35.23
N PHE E 50 -16.35 21.19 -36.04
CA PHE E 50 -16.62 21.43 -37.46
C PHE E 50 -15.73 20.59 -38.36
N ALA E 51 -16.29 19.48 -38.86
CA ALA E 51 -15.52 18.58 -39.71
C ALA E 51 -14.18 18.28 -39.05
N GLY E 52 -14.21 17.43 -38.02
CA GLY E 52 -13.02 17.02 -37.31
C GLY E 52 -12.17 18.06 -36.60
N LYS E 53 -12.53 19.33 -36.69
CA LYS E 53 -11.75 20.38 -36.04
C LYS E 53 -12.49 21.07 -34.90
N GLN E 54 -11.73 21.46 -33.88
CA GLN E 54 -12.29 22.17 -32.73
C GLN E 54 -12.19 23.68 -32.98
N LEU E 55 -13.31 24.30 -33.31
CA LEU E 55 -13.37 25.74 -33.58
C LEU E 55 -13.15 26.50 -32.28
N GLU E 56 -12.24 27.47 -32.30
CA GLU E 56 -11.97 28.26 -31.11
C GLU E 56 -12.95 29.43 -30.93
N ASP E 57 -13.09 29.88 -29.69
CA ASP E 57 -13.99 30.99 -29.37
C ASP E 57 -13.30 32.30 -29.69
N GLY E 58 -12.03 32.20 -30.08
CA GLY E 58 -11.25 33.38 -30.41
C GLY E 58 -11.18 33.60 -31.92
N ARG E 59 -12.06 32.95 -32.66
CA ARG E 59 -12.10 33.07 -34.12
C ARG E 59 -13.48 33.58 -34.56
N THR E 60 -13.73 33.57 -35.87
CA THR E 60 -15.03 34.00 -36.39
C THR E 60 -15.52 32.94 -37.38
N LEU E 61 -16.76 33.09 -37.84
CA LEU E 61 -17.33 32.13 -38.77
C LEU E 61 -16.66 32.11 -40.16
N SER E 62 -16.06 33.23 -40.55
CA SER E 62 -15.40 33.30 -41.85
C SER E 62 -13.94 32.84 -41.78
N ASP E 63 -13.46 32.54 -40.58
CA ASP E 63 -12.09 32.08 -40.39
C ASP E 63 -11.96 30.59 -40.72
N TYR E 64 -13.06 29.86 -40.52
CA TYR E 64 -13.10 28.43 -40.80
C TYR E 64 -14.04 28.20 -41.98
N ASN E 65 -14.26 29.24 -42.78
CA ASN E 65 -15.12 29.18 -43.96
C ASN E 65 -16.54 28.70 -43.66
N ILE E 66 -16.95 28.82 -42.40
CA ILE E 66 -18.31 28.43 -42.02
C ILE E 66 -19.22 29.38 -42.79
N GLN E 67 -19.91 28.85 -43.80
CA GLN E 67 -20.78 29.66 -44.63
C GLN E 67 -22.26 29.41 -44.39
N LYS E 68 -23.04 29.72 -45.42
CA LYS E 68 -24.49 29.56 -45.44
C LYS E 68 -24.82 28.05 -45.42
N GLU E 69 -25.45 27.60 -44.34
CA GLU E 69 -25.85 26.19 -44.13
C GLU E 69 -24.75 25.24 -43.64
N SER E 70 -23.71 25.80 -43.04
CA SER E 70 -22.62 24.96 -42.52
C SER E 70 -23.14 24.25 -41.27
N THR E 71 -22.95 22.93 -41.22
CA THR E 71 -23.39 22.13 -40.08
C THR E 71 -22.25 21.86 -39.09
N LEU E 72 -22.28 22.55 -37.96
CA LEU E 72 -21.27 22.35 -36.91
C LEU E 72 -21.85 21.25 -36.02
N HIS E 73 -21.25 21.05 -34.85
CA HIS E 73 -21.76 20.04 -33.94
C HIS E 73 -21.61 20.44 -32.48
N LEU E 74 -22.72 20.34 -31.75
CA LEU E 74 -22.74 20.68 -30.35
C LEU E 74 -22.31 19.49 -29.51
N VAL E 75 -21.08 19.55 -29.01
CA VAL E 75 -20.53 18.48 -28.17
C VAL E 75 -20.55 18.98 -26.74
N LEU E 76 -21.21 18.24 -25.86
CA LEU E 76 -21.27 18.65 -24.48
C LEU E 76 -19.98 18.21 -23.79
N ARG E 77 -19.20 19.17 -23.30
CA ARG E 77 -17.95 18.86 -22.59
C ARG E 77 -18.35 18.67 -21.14
N LEU E 78 -18.80 17.47 -20.77
CA LEU E 78 -19.31 17.24 -19.43
C LEU E 78 -18.70 16.30 -18.42
N ARG E 79 -17.87 15.38 -18.87
CA ARG E 79 -17.28 14.48 -17.88
C ARG E 79 -16.17 15.32 -17.22
N GLY E 80 -16.09 15.23 -15.89
CA GLY E 80 -15.14 16.00 -15.10
C GLY E 80 -13.63 15.84 -15.15
N GLY E 81 -12.97 16.76 -14.44
CA GLY E 81 -11.52 16.77 -14.36
C GLY E 81 -11.01 16.48 -12.94
N MET F 6 55.27 -1.00 2.23
CA MET F 6 54.24 -1.95 2.76
C MET F 6 52.82 -1.51 2.40
N GLN F 7 51.95 -2.48 2.12
CA GLN F 7 50.57 -2.20 1.74
C GLN F 7 49.52 -2.93 2.60
N ILE F 8 48.60 -2.17 3.19
CA ILE F 8 47.55 -2.75 4.02
C ILE F 8 46.19 -2.30 3.49
N PHE F 9 45.18 -3.17 3.56
CA PHE F 9 43.85 -2.81 3.09
C PHE F 9 42.97 -2.44 4.27
N VAL F 10 41.90 -1.68 4.04
CA VAL F 10 41.00 -1.27 5.11
C VAL F 10 39.55 -1.50 4.71
N LYS F 11 39.07 -2.72 4.93
CA LYS F 11 37.70 -3.10 4.59
C LYS F 11 36.67 -2.50 5.55
N THR F 12 35.58 -1.99 5.00
CA THR F 12 34.50 -1.38 5.80
C THR F 12 33.36 -2.40 5.90
N LEU F 13 32.16 -1.96 6.33
CA LEU F 13 31.04 -2.91 6.44
C LEU F 13 30.51 -3.36 5.07
N THR F 14 30.80 -2.57 4.03
CA THR F 14 30.40 -2.93 2.67
C THR F 14 31.62 -3.62 2.07
N GLY F 15 31.41 -4.52 1.11
CA GLY F 15 32.53 -5.21 0.50
C GLY F 15 33.66 -4.26 0.12
N LYS F 16 33.34 -2.96 0.09
CA LYS F 16 34.27 -1.89 -0.26
C LYS F 16 35.57 -1.87 0.57
N THR F 17 36.69 -1.63 -0.11
CA THR F 17 37.99 -1.56 0.55
C THR F 17 38.83 -0.42 -0.03
N ILE F 18 39.70 0.15 0.80
CA ILE F 18 40.58 1.24 0.35
C ILE F 18 42.02 0.82 0.66
N THR F 19 42.89 0.88 -0.34
CA THR F 19 44.28 0.49 -0.12
C THR F 19 45.12 1.65 0.40
N LEU F 20 46.06 1.33 1.28
CA LEU F 20 46.94 2.34 1.86
C LEU F 20 48.39 1.87 2.01
N GLU F 21 49.31 2.59 1.37
CA GLU F 21 50.73 2.28 1.44
C GLU F 21 51.29 2.87 2.74
N VAL F 22 51.84 2.02 3.60
CA VAL F 22 52.40 2.47 4.87
C VAL F 22 53.67 1.73 5.25
N GLU F 23 54.25 2.10 6.40
CA GLU F 23 55.46 1.45 6.87
C GLU F 23 55.18 0.90 8.28
N PRO F 24 56.03 -0.03 8.77
CA PRO F 24 55.94 -0.69 10.07
C PRO F 24 55.92 0.23 11.30
N SER F 25 56.46 1.44 11.17
CA SER F 25 56.49 2.39 12.29
C SER F 25 55.39 3.46 12.27
N ASP F 26 54.43 3.31 11.35
CA ASP F 26 53.32 4.26 11.21
C ASP F 26 52.27 3.89 12.25
N THR F 27 52.07 4.77 13.23
CA THR F 27 51.08 4.53 14.30
C THR F 27 49.67 4.37 13.72
N ILE F 28 48.79 3.70 14.47
CA ILE F 28 47.41 3.51 13.99
C ILE F 28 46.79 4.87 13.70
N GLU F 29 47.29 5.90 14.38
CA GLU F 29 46.79 7.26 14.19
C GLU F 29 46.97 7.71 12.75
N ASN F 30 48.16 7.48 12.21
CA ASN F 30 48.48 7.86 10.83
C ASN F 30 47.73 6.99 9.81
N VAL F 31 47.22 5.84 10.26
CA VAL F 31 46.46 4.97 9.37
C VAL F 31 45.14 5.71 9.15
N LYS F 32 44.62 6.32 10.23
CA LYS F 32 43.38 7.08 10.17
C LYS F 32 43.62 8.41 9.44
N ALA F 33 44.87 8.85 9.42
CA ALA F 33 45.21 10.09 8.74
C ALA F 33 45.25 9.85 7.24
N LYS F 34 45.57 8.63 6.83
CA LYS F 34 45.64 8.28 5.41
C LYS F 34 44.33 7.68 4.91
N ILE F 35 43.47 7.27 5.85
CA ILE F 35 42.16 6.71 5.51
C ILE F 35 41.27 7.92 5.23
N GLN F 36 41.21 8.83 6.21
CA GLN F 36 40.42 10.07 6.12
C GLN F 36 40.63 10.76 4.78
N ASP F 37 41.87 10.71 4.29
CA ASP F 37 42.23 11.34 3.03
C ASP F 37 41.63 10.65 1.80
N LYS F 38 41.00 9.49 2.01
CA LYS F 38 40.38 8.76 0.89
C LYS F 38 38.90 8.47 1.14
N GLU F 39 38.45 8.71 2.36
CA GLU F 39 37.04 8.47 2.71
C GLU F 39 36.35 9.72 3.27
N GLY F 40 37.15 10.63 3.83
CA GLY F 40 36.61 11.86 4.39
C GLY F 40 36.01 11.69 5.77
N ILE F 41 36.40 10.62 6.46
CA ILE F 41 35.87 10.36 7.79
C ILE F 41 36.86 10.82 8.85
N PRO F 42 36.42 11.74 9.72
CA PRO F 42 37.24 12.29 10.81
C PRO F 42 37.84 11.22 11.72
N PRO F 43 39.16 11.32 12.01
CA PRO F 43 39.86 10.36 12.87
C PRO F 43 39.23 10.02 14.23
N ASP F 44 38.35 10.87 14.74
CA ASP F 44 37.72 10.58 16.03
C ASP F 44 36.35 9.91 15.90
N GLN F 45 36.13 9.30 14.74
CA GLN F 45 34.89 8.56 14.45
C GLN F 45 35.28 7.26 13.76
N GLN F 46 36.58 6.98 13.75
CA GLN F 46 37.10 5.76 13.16
C GLN F 46 37.68 4.90 14.27
N ARG F 47 37.53 3.59 14.13
CA ARG F 47 38.07 2.63 15.09
C ARG F 47 38.57 1.44 14.29
N LEU F 48 39.88 1.32 14.18
CA LEU F 48 40.43 0.20 13.42
C LEU F 48 40.50 -1.08 14.24
N ILE F 49 39.87 -2.14 13.73
CA ILE F 49 39.86 -3.43 14.39
C ILE F 49 40.76 -4.38 13.61
N PHE F 50 41.31 -5.37 14.31
CA PHE F 50 42.19 -6.35 13.67
C PHE F 50 42.24 -7.64 14.49
N ALA F 51 41.88 -8.76 13.87
CA ALA F 51 41.91 -10.02 14.58
C ALA F 51 41.06 -9.92 15.84
N GLY F 52 39.99 -9.14 15.77
CA GLY F 52 39.10 -8.98 16.92
C GLY F 52 39.59 -8.11 18.05
N LYS F 53 40.69 -7.39 17.82
CA LYS F 53 41.26 -6.50 18.83
C LYS F 53 41.22 -5.06 18.32
N GLN F 54 40.80 -4.16 19.18
CA GLN F 54 40.73 -2.77 18.79
C GLN F 54 42.10 -2.11 18.91
N LEU F 55 42.71 -1.85 17.76
CA LEU F 55 44.02 -1.22 17.70
C LEU F 55 43.89 0.11 18.42
N GLU F 56 45.03 0.74 18.74
CA GLU F 56 45.02 2.03 19.44
C GLU F 56 45.87 3.08 18.70
N ASP F 57 45.59 4.36 18.95
CA ASP F 57 46.31 5.46 18.30
C ASP F 57 47.84 5.48 18.50
N GLY F 58 48.28 5.29 19.76
CA GLY F 58 49.71 5.31 20.07
C GLY F 58 50.59 4.21 19.49
N ARG F 59 50.10 2.98 19.49
CA ARG F 59 50.83 1.83 18.97
C ARG F 59 51.11 1.94 17.46
N THR F 60 51.90 1.01 16.93
CA THR F 60 52.24 1.01 15.51
C THR F 60 51.70 -0.24 14.81
N LEU F 61 51.76 -0.26 13.48
CA LEU F 61 51.28 -1.43 12.72
C LEU F 61 52.21 -2.62 12.92
N SER F 62 53.20 -2.44 13.80
CA SER F 62 54.18 -3.48 14.12
C SER F 62 54.01 -3.94 15.58
N ASP F 63 53.41 -3.09 16.40
CA ASP F 63 53.16 -3.42 17.81
C ASP F 63 51.98 -4.39 17.91
N TYR F 64 51.29 -4.56 16.78
CA TYR F 64 50.15 -5.45 16.70
C TYR F 64 50.44 -6.60 15.75
N ASN F 65 51.61 -6.55 15.12
CA ASN F 65 52.03 -7.60 14.17
C ASN F 65 51.22 -7.57 12.88
N ILE F 66 50.84 -6.38 12.45
CA ILE F 66 50.07 -6.22 11.22
C ILE F 66 51.05 -6.10 10.06
N GLN F 67 51.31 -7.22 9.39
CA GLN F 67 52.24 -7.24 8.27
C GLN F 67 51.64 -6.81 6.93
N LYS F 68 52.37 -7.10 5.87
CA LYS F 68 51.94 -6.78 4.50
C LYS F 68 50.71 -7.61 4.15
N GLU F 69 49.87 -7.09 3.26
CA GLU F 69 48.65 -7.77 2.81
C GLU F 69 47.53 -7.89 3.84
N SER F 70 47.80 -7.50 5.09
CA SER F 70 46.79 -7.58 6.15
C SER F 70 45.57 -6.76 5.75
N THR F 71 44.45 -6.99 6.45
CA THR F 71 43.22 -6.25 6.18
C THR F 71 42.57 -5.81 7.49
N LEU F 72 42.65 -4.50 7.77
CA LEU F 72 42.06 -3.93 8.97
C LEU F 72 40.57 -3.65 8.72
N HIS F 73 39.78 -3.59 9.79
CA HIS F 73 38.36 -3.33 9.68
C HIS F 73 37.99 -1.97 10.29
N LEU F 74 37.36 -1.13 9.48
CA LEU F 74 36.97 0.21 9.90
C LEU F 74 35.55 0.23 10.46
N VAL F 75 35.43 0.25 11.79
CA VAL F 75 34.14 0.29 12.49
C VAL F 75 33.92 1.71 13.02
N LEU F 76 32.90 2.37 12.49
CA LEU F 76 32.61 3.74 12.87
C LEU F 76 31.82 3.86 14.17
N ARG F 77 32.33 4.63 15.12
CA ARG F 77 31.64 4.85 16.39
C ARG F 77 30.70 6.05 16.15
N LEU F 78 29.51 5.73 15.66
CA LEU F 78 28.53 6.74 15.29
C LEU F 78 27.42 6.98 16.30
N ARG F 79 26.88 5.91 16.87
CA ARG F 79 25.83 6.02 17.87
C ARG F 79 26.37 6.85 19.03
N GLY F 80 25.58 7.83 19.47
CA GLY F 80 25.97 8.76 20.52
C GLY F 80 25.97 8.41 21.99
N GLY F 81 26.44 9.36 22.78
CA GLY F 81 26.53 9.20 24.22
C GLY F 81 25.94 10.39 24.98
#